data_9LPD
#
_entry.id   9LPD
#
_cell.length_a   61.773
_cell.length_b   79.435
_cell.length_c   79.278
_cell.angle_alpha   90.00
_cell.angle_beta   105.71
_cell.angle_gamma   90.00
#
_symmetry.space_group_name_H-M   'P 1 21 1'
#
loop_
_entity.id
_entity.type
_entity.pdbx_description
1 polymer 'Tryptophan--tRNA ligase'
2 non-polymer Tirabrutinib
3 non-polymer 'SULFATE ION'
4 non-polymer CHLORZOXAZONE
5 non-polymer "TRYPTOPHANYL-5'AMP"
6 water water
#
_entity_poly.entity_id   1
_entity_poly.type   'polypeptide(L)'
_entity_poly.pdbx_seq_one_letter_code
;MTKPIVFSGAQPSGELTIGNYMGALRQWVNMQDDYHCIYCIVDQHAITVRQDAQKLRKATLDTLALYLACGIDPEKSTIF
VQSHVPEHAQLGWALNCYTYFGELSRMTQFKDKSARYAENINAGLFDYPVLMAADILLYQTNLVPVGEDQKQHLELSRDI
AQRFNALYGEIFKVPEPFIPKSGARVMSLLEPTKKMSKSDDNRNNVIGLLEDPKSVVKKIKRAVTDSDEPPVVRYDVQNK
AGVSNLLDILSAVTGQSIPELEKQFEGKMYGHLKGEVADAVSGMLTELQERYHRFRNDEAFLQQVMKDGAEKASAHASRT
LKAVYEAIGFVAKRHHHHHH
;
_entity_poly.pdbx_strand_id   A,B
#
# COMPACT_ATOMS: atom_id res chain seq x y z
N LYS A 3 -14.44 19.32 -19.25
CA LYS A 3 -15.39 18.83 -18.20
C LYS A 3 -14.65 18.36 -16.95
N PRO A 4 -14.90 18.99 -15.79
CA PRO A 4 -14.17 18.59 -14.60
C PRO A 4 -14.46 17.16 -14.12
N ILE A 5 -13.41 16.47 -13.70
CA ILE A 5 -13.49 15.11 -13.16
C ILE A 5 -13.78 15.18 -11.66
N VAL A 6 -14.89 14.57 -11.23
CA VAL A 6 -15.28 14.54 -9.81
C VAL A 6 -15.05 13.12 -9.30
N PHE A 7 -14.39 12.98 -8.16
CA PHE A 7 -14.17 11.67 -7.52
C PHE A 7 -14.84 11.59 -6.14
N SER A 8 -15.61 10.53 -5.95
CA SER A 8 -16.29 10.22 -4.68
C SER A 8 -15.99 8.77 -4.26
N GLY A 9 -15.66 8.59 -2.98
CA GLY A 9 -15.51 7.28 -2.36
C GLY A 9 -16.75 6.90 -1.57
N ALA A 10 -17.40 5.81 -1.94
CA ALA A 10 -18.57 5.29 -1.24
C ALA A 10 -18.21 4.01 -0.47
N GLN A 11 -18.17 4.10 0.85
CA GLN A 11 -17.72 3.01 1.69
C GLN A 11 -18.74 1.88 1.69
N PRO A 12 -18.36 0.63 1.28
CA PRO A 12 -19.36 -0.43 1.07
C PRO A 12 -20.23 -0.69 2.29
N SER A 13 -19.74 -0.33 3.47
CA SER A 13 -20.51 -0.44 4.71
C SER A 13 -21.33 0.82 5.04
N GLY A 14 -22.20 0.71 6.04
CA GLY A 14 -23.08 1.83 6.44
C GLY A 14 -24.36 1.88 5.63
N GLU A 15 -25.51 1.97 6.31
CA GLU A 15 -26.81 2.10 5.64
C GLU A 15 -27.07 3.58 5.37
N LEU A 16 -27.22 3.93 4.09
CA LEU A 16 -27.50 5.32 3.67
C LEU A 16 -28.84 5.81 4.26
N THR A 17 -28.86 7.07 4.71
CA THR A 17 -30.06 7.72 5.24
C THR A 17 -30.68 8.68 4.21
N ILE A 18 -31.90 9.12 4.49
CA ILE A 18 -32.61 10.15 3.70
C ILE A 18 -31.81 11.47 3.65
N GLY A 19 -31.08 11.77 4.71
CA GLY A 19 -30.11 12.90 4.73
C GLY A 19 -29.00 12.79 3.69
N ASN A 20 -28.53 11.56 3.45
CA ASN A 20 -27.59 11.28 2.38
C ASN A 20 -28.24 11.43 1.01
N TYR A 21 -29.45 10.90 0.84
CA TYR A 21 -30.09 10.83 -0.50
C TYR A 21 -30.58 12.19 -1.00
N MET A 22 -31.43 12.84 -0.21
CA MET A 22 -32.03 14.14 -0.61
C MET A 22 -31.05 15.28 -0.32
N GLY A 23 -30.09 15.02 0.56
CA GLY A 23 -29.13 16.03 0.94
C GLY A 23 -27.88 16.11 0.07
N ALA A 24 -27.49 15.01 -0.58
CA ALA A 24 -26.22 14.95 -1.32
C ALA A 24 -26.29 14.18 -2.64
N LEU A 25 -26.69 12.90 -2.58
CA LEU A 25 -26.72 12.06 -3.75
C LEU A 25 -27.67 12.61 -4.78
N ARG A 26 -28.82 13.09 -4.32
CA ARG A 26 -29.87 13.58 -5.24
C ARG A 26 -29.35 14.77 -6.05
N GLN A 27 -28.64 15.67 -5.36
CA GLN A 27 -27.84 16.74 -5.99
C GLN A 27 -26.97 16.21 -7.17
N TRP A 28 -26.13 15.23 -6.87
CA TRP A 28 -25.12 14.75 -7.83
C TRP A 28 -25.67 13.91 -8.97
N VAL A 29 -26.75 13.17 -8.73
CA VAL A 29 -27.48 12.46 -9.78
C VAL A 29 -27.86 13.46 -10.91
N ASN A 30 -28.16 14.69 -10.50
CA ASN A 30 -28.60 15.75 -11.43
C ASN A 30 -27.47 16.62 -12.00
N MET A 31 -26.21 16.19 -11.81
CA MET A 31 -25.04 16.85 -12.39
C MET A 31 -24.14 15.88 -13.19
N GLN A 32 -24.68 14.73 -13.59
CA GLN A 32 -23.91 13.68 -14.27
C GLN A 32 -23.54 14.04 -15.72
N ASP A 33 -24.25 15.02 -16.28
CA ASP A 33 -23.90 15.58 -17.61
C ASP A 33 -23.01 16.81 -17.50
N ASP A 34 -22.98 17.44 -16.34
CA ASP A 34 -22.14 18.62 -16.07
C ASP A 34 -20.67 18.26 -15.82
N TYR A 35 -20.46 17.13 -15.12
CA TYR A 35 -19.13 16.63 -14.74
C TYR A 35 -18.94 15.16 -15.13
N HIS A 36 -17.68 14.76 -15.33
CA HIS A 36 -17.27 13.36 -15.43
C HIS A 36 -17.16 12.84 -13.99
N CYS A 37 -18.21 12.18 -13.50
CA CYS A 37 -18.32 11.75 -12.12
C CYS A 37 -17.83 10.31 -12.02
N ILE A 38 -16.99 10.07 -11.02
CA ILE A 38 -16.44 8.75 -10.70
C ILE A 38 -16.89 8.39 -9.29
N TYR A 39 -17.58 7.26 -9.17
CA TYR A 39 -18.00 6.66 -7.86
C TYR A 39 -17.26 5.32 -7.65
N CYS A 40 -16.36 5.33 -6.66
CA CYS A 40 -15.50 4.21 -6.30
C CYS A 40 -15.95 3.60 -4.98
N ILE A 41 -16.43 2.34 -5.01
CA ILE A 41 -16.76 1.63 -3.77
C ILE A 41 -15.48 1.15 -3.12
N VAL A 42 -15.17 1.72 -1.97
CA VAL A 42 -13.83 1.66 -1.40
C VAL A 42 -13.65 0.51 -0.38
N ASP A 43 -13.66 -0.72 -0.92
CA ASP A 43 -13.52 -1.93 -0.09
C ASP A 43 -12.15 -2.05 0.55
N GLN A 44 -11.11 -1.50 -0.11
CA GLN A 44 -9.76 -1.48 0.46
C GLN A 44 -9.65 -0.56 1.68
N HIS A 45 -10.43 0.53 1.69
CA HIS A 45 -10.55 1.41 2.89
C HIS A 45 -11.27 0.72 4.05
N ALA A 46 -12.31 -0.05 3.69
CA ALA A 46 -13.16 -0.78 4.67
C ALA A 46 -12.38 -1.72 5.60
N ILE A 47 -11.34 -2.38 5.07
CA ILE A 47 -10.62 -3.41 5.84
C ILE A 47 -9.67 -2.86 6.89
N THR A 48 -9.61 -1.54 7.02
CA THR A 48 -8.90 -0.89 8.14
C THR A 48 -9.57 -1.22 9.50
N VAL A 49 -10.86 -1.53 9.47
CA VAL A 49 -11.62 -2.08 10.60
C VAL A 49 -11.96 -3.56 10.32
N ARG A 50 -11.66 -4.44 11.26
CA ARG A 50 -11.99 -5.87 11.11
C ARG A 50 -13.50 -6.07 11.01
N GLN A 51 -13.94 -6.84 10.03
CA GLN A 51 -15.35 -7.17 9.84
C GLN A 51 -15.49 -8.53 9.20
N ASP A 52 -16.71 -9.06 9.28
CA ASP A 52 -17.08 -10.34 8.69
C ASP A 52 -16.99 -10.25 7.18
N ALA A 53 -16.26 -11.18 6.57
CA ALA A 53 -15.92 -11.15 5.15
C ALA A 53 -17.15 -11.22 4.27
N GLN A 54 -18.11 -12.06 4.66
CA GLN A 54 -19.31 -12.28 3.87
C GLN A 54 -20.22 -11.07 3.91
N LYS A 55 -20.23 -10.37 5.05
CA LYS A 55 -20.96 -9.10 5.21
C LYS A 55 -20.35 -7.97 4.35
N LEU A 56 -19.01 -7.89 4.32
CA LEU A 56 -18.29 -6.97 3.44
C LEU A 56 -18.60 -7.21 1.96
N ARG A 57 -18.52 -8.47 1.53
CA ARG A 57 -18.87 -8.83 0.15
C ARG A 57 -20.31 -8.43 -0.18
N LYS A 58 -21.25 -8.78 0.72
CA LYS A 58 -22.67 -8.42 0.56
C LYS A 58 -22.90 -6.89 0.49
N ALA A 59 -22.27 -6.16 1.43
CA ALA A 59 -22.41 -4.72 1.57
C ALA A 59 -21.79 -3.94 0.41
N THR A 60 -20.79 -4.50 -0.24
CA THR A 60 -20.22 -3.95 -1.48
C THR A 60 -21.28 -3.94 -2.57
N LEU A 61 -21.95 -5.07 -2.75
CA LEU A 61 -23.04 -5.21 -3.73
C LEU A 61 -24.29 -4.45 -3.29
N ASP A 62 -24.56 -4.41 -1.99
CA ASP A 62 -25.66 -3.54 -1.43
C ASP A 62 -25.43 -2.06 -1.81
N THR A 63 -24.20 -1.59 -1.60
CA THR A 63 -23.82 -0.20 -1.92
C THR A 63 -23.99 0.09 -3.42
N LEU A 64 -23.53 -0.83 -4.25
CA LEU A 64 -23.59 -0.63 -5.69
C LEU A 64 -25.05 -0.51 -6.14
N ALA A 65 -25.89 -1.45 -5.71
CA ALA A 65 -27.30 -1.46 -6.08
C ALA A 65 -28.04 -0.18 -5.67
N LEU A 66 -27.80 0.30 -4.44
CA LEU A 66 -28.41 1.50 -3.91
C LEU A 66 -28.01 2.78 -4.66
N TYR A 67 -26.73 2.90 -5.02
CA TYR A 67 -26.24 4.02 -5.84
C TYR A 67 -26.88 4.05 -7.22
N LEU A 68 -27.01 2.87 -7.83
CA LEU A 68 -27.75 2.71 -9.10
C LEU A 68 -29.24 3.05 -8.94
N ALA A 69 -29.84 2.66 -7.80
CA ALA A 69 -31.26 2.92 -7.51
C ALA A 69 -31.50 4.41 -7.20
N CYS A 70 -30.54 5.05 -6.52
CA CYS A 70 -30.57 6.51 -6.30
C CYS A 70 -30.44 7.34 -7.58
N GLY A 71 -30.04 6.71 -8.70
CA GLY A 71 -30.05 7.31 -10.02
C GLY A 71 -28.67 7.50 -10.69
N ILE A 72 -27.60 7.02 -10.06
CA ILE A 72 -26.25 7.04 -10.71
C ILE A 72 -26.28 6.12 -11.94
N ASP A 73 -26.05 6.74 -13.10
CA ASP A 73 -26.14 6.10 -14.39
C ASP A 73 -24.76 5.57 -14.77
N PRO A 74 -24.61 4.23 -14.92
CA PRO A 74 -23.32 3.65 -15.28
C PRO A 74 -22.86 3.95 -16.72
N GLU A 75 -23.73 4.54 -17.53
CA GLU A 75 -23.40 4.95 -18.89
C GLU A 75 -22.84 6.38 -18.95
N LYS A 76 -23.24 7.22 -17.99
CA LYS A 76 -22.75 8.61 -17.88
C LYS A 76 -21.61 8.76 -16.86
N SER A 77 -21.77 8.16 -15.68
CA SER A 77 -20.76 8.13 -14.64
C SER A 77 -19.96 6.81 -14.65
N THR A 78 -18.76 6.83 -14.07
CA THR A 78 -17.92 5.66 -13.85
C THR A 78 -18.15 5.19 -12.42
N ILE A 79 -18.74 4.00 -12.30
CA ILE A 79 -18.98 3.36 -10.99
C ILE A 79 -18.30 1.98 -11.01
N PHE A 80 -17.52 1.69 -9.98
CA PHE A 80 -16.66 0.48 -9.91
C PHE A 80 -16.20 0.20 -8.49
N VAL A 81 -15.69 -1.01 -8.27
CA VAL A 81 -15.16 -1.44 -6.95
C VAL A 81 -13.64 -1.18 -6.92
N GLN A 82 -13.16 -0.56 -5.85
CA GLN A 82 -11.77 -0.12 -5.69
C GLN A 82 -10.77 -1.25 -5.92
N SER A 83 -11.05 -2.41 -5.33
CA SER A 83 -10.14 -3.56 -5.41
C SER A 83 -9.98 -4.18 -6.80
N HIS A 84 -10.85 -3.83 -7.72
CA HIS A 84 -10.81 -4.30 -9.12
C HIS A 84 -9.84 -3.52 -10.00
N VAL A 85 -9.24 -2.46 -9.46
CA VAL A 85 -8.28 -1.62 -10.19
C VAL A 85 -6.95 -1.57 -9.41
N PRO A 86 -5.98 -2.47 -9.74
CA PRO A 86 -4.73 -2.55 -8.97
C PRO A 86 -3.93 -1.25 -8.88
N GLU A 87 -4.20 -0.31 -9.79
CA GLU A 87 -3.50 0.97 -9.80
C GLU A 87 -3.61 1.74 -8.48
N HIS A 88 -4.72 1.54 -7.73
CA HIS A 88 -4.97 2.19 -6.44
C HIS A 88 -3.94 1.83 -5.41
N ALA A 89 -3.70 0.52 -5.23
CA ALA A 89 -2.64 0.05 -4.33
C ALA A 89 -1.22 0.39 -4.85
N GLN A 90 -1.02 0.27 -6.16
CA GLN A 90 0.24 0.63 -6.83
C GLN A 90 0.65 2.09 -6.61
N LEU A 91 -0.29 3.02 -6.87
CA LEU A 91 -0.02 4.40 -6.63
C LEU A 91 0.08 4.73 -5.15
N GLY A 92 -0.76 4.10 -4.35
CA GLY A 92 -0.69 4.11 -2.89
C GLY A 92 0.73 3.90 -2.36
N TRP A 93 1.38 2.81 -2.76
CA TRP A 93 2.75 2.53 -2.30
C TRP A 93 3.73 3.63 -2.73
N ALA A 94 3.70 3.99 -4.02
CA ALA A 94 4.60 5.03 -4.53
C ALA A 94 4.43 6.35 -3.77
N LEU A 95 3.19 6.71 -3.43
CA LEU A 95 2.90 7.95 -2.73
C LEU A 95 3.27 7.87 -1.26
N ASN A 96 3.36 6.66 -0.70
CA ASN A 96 3.92 6.45 0.66
C ASN A 96 5.34 7.04 0.77
N CYS A 97 6.09 6.86 -0.30
CA CYS A 97 7.47 7.31 -0.41
C CYS A 97 7.66 8.82 -0.61
N TYR A 98 6.56 9.56 -0.80
CA TYR A 98 6.55 11.03 -0.88
C TYR A 98 5.67 11.68 0.18
N THR A 99 5.26 10.92 1.18
CA THR A 99 4.41 11.38 2.27
C THR A 99 5.23 11.26 3.55
N TYR A 100 5.36 12.37 4.29
CA TYR A 100 6.09 12.37 5.57
C TYR A 100 5.29 11.57 6.58
N PHE A 101 6.00 10.78 7.39
CA PHE A 101 5.41 10.09 8.57
C PHE A 101 4.67 11.09 9.48
N GLY A 102 5.26 12.26 9.68
CA GLY A 102 4.67 13.34 10.49
C GLY A 102 3.26 13.74 10.08
N GLU A 103 3.02 13.77 8.77
CA GLU A 103 1.71 14.16 8.22
C GLU A 103 0.61 13.15 8.54
N LEU A 104 0.98 11.86 8.59
CA LEU A 104 0.06 10.77 8.98
C LEU A 104 -0.20 10.75 10.50
N SER A 105 0.82 11.04 11.30
CA SER A 105 0.66 11.14 12.76
C SER A 105 -0.07 12.40 13.17
N ARG A 106 -0.03 13.46 12.33
CA ARG A 106 -0.72 14.75 12.60
C ARG A 106 -2.24 14.69 12.46
N MET A 107 -2.76 13.59 11.92
CA MET A 107 -4.19 13.36 11.81
C MET A 107 -4.66 12.52 12.99
N THR A 108 -5.65 13.04 13.74
CA THR A 108 -6.18 12.48 15.00
C THR A 108 -5.40 11.28 15.60
N TYR A 117 -1.29 1.55 23.30
CA TYR A 117 -2.24 2.59 22.95
C TYR A 117 -2.44 2.70 21.42
N ALA A 118 -1.46 3.32 20.74
CA ALA A 118 -1.40 3.42 19.29
C ALA A 118 -0.64 2.24 18.67
N GLU A 119 0.16 1.55 19.49
CA GLU A 119 0.88 0.35 19.06
C GLU A 119 -0.08 -0.78 18.62
N ASN A 120 -1.32 -0.74 19.11
CA ASN A 120 -2.33 -1.77 18.86
C ASN A 120 -3.31 -1.45 17.69
N ILE A 121 -3.14 -0.30 17.03
CA ILE A 121 -3.89 0.00 15.79
C ILE A 121 -3.19 -0.66 14.60
N ASN A 122 -3.97 -1.20 13.66
CA ASN A 122 -3.37 -1.76 12.46
C ASN A 122 -2.78 -0.64 11.57
N ALA A 123 -1.73 -0.97 10.83
CA ALA A 123 -1.02 -0.03 9.94
C ALA A 123 -1.92 0.57 8.87
N GLY A 124 -3.02 -0.12 8.53
CA GLY A 124 -4.06 0.37 7.65
C GLY A 124 -4.73 1.65 8.15
N LEU A 125 -5.12 1.63 9.42
CA LEU A 125 -5.75 2.78 10.08
C LEU A 125 -4.84 4.00 10.14
N PHE A 126 -3.54 3.78 10.04
CA PHE A 126 -2.52 4.82 10.05
C PHE A 126 -2.20 5.34 8.65
N ASP A 127 -2.25 4.46 7.65
CA ASP A 127 -1.72 4.73 6.32
C ASP A 127 -2.80 5.04 5.29
N TYR A 128 -4.08 4.84 5.63
CA TYR A 128 -5.19 4.95 4.65
C TYR A 128 -5.29 6.34 3.99
N PRO A 129 -4.84 7.42 4.66
CA PRO A 129 -4.95 8.72 3.96
C PRO A 129 -4.08 8.79 2.70
N VAL A 130 -3.05 7.97 2.61
CA VAL A 130 -2.17 7.89 1.45
C VAL A 130 -2.89 7.15 0.33
N LEU A 131 -3.66 6.11 0.69
CA LEU A 131 -4.51 5.41 -0.27
C LEU A 131 -5.57 6.38 -0.82
N MET A 132 -6.18 7.16 0.06
CA MET A 132 -7.15 8.19 -0.33
C MET A 132 -6.53 9.16 -1.34
N ALA A 133 -5.32 9.64 -1.05
CA ALA A 133 -4.56 10.46 -2.00
C ALA A 133 -4.39 9.80 -3.37
N ALA A 134 -3.94 8.53 -3.37
CA ALA A 134 -3.84 7.76 -4.61
C ALA A 134 -5.16 7.61 -5.34
N ASP A 135 -6.20 7.18 -4.63
CA ASP A 135 -7.54 7.06 -5.20
C ASP A 135 -7.95 8.29 -6.04
N ILE A 136 -7.71 9.49 -5.47
CA ILE A 136 -8.06 10.79 -6.07
C ILE A 136 -7.12 11.13 -7.25
N LEU A 137 -5.81 11.03 -7.02
CA LEU A 137 -4.82 11.51 -7.99
C LEU A 137 -4.71 10.68 -9.26
N LEU A 138 -5.16 9.41 -9.21
CA LEU A 138 -5.09 8.50 -10.35
C LEU A 138 -5.92 8.97 -11.53
N TYR A 139 -7.06 9.60 -11.25
CA TYR A 139 -8.02 10.05 -12.25
C TYR A 139 -7.93 11.52 -12.61
N GLN A 140 -6.79 12.17 -12.34
CA GLN A 140 -6.59 13.58 -12.69
C GLN A 140 -7.79 14.40 -12.20
N THR A 141 -8.26 14.06 -10.99
CA THR A 141 -9.48 14.60 -10.43
C THR A 141 -9.36 16.13 -10.21
N ASN A 142 -10.41 16.86 -10.58
CA ASN A 142 -10.51 18.32 -10.34
C ASN A 142 -11.17 18.61 -8.99
N LEU A 143 -12.30 17.93 -8.73
CA LEU A 143 -13.18 18.22 -7.58
C LEU A 143 -13.43 16.98 -6.72
N VAL A 144 -13.30 17.10 -5.40
CA VAL A 144 -13.63 16.02 -4.47
C VAL A 144 -14.66 16.55 -3.46
N PRO A 145 -15.92 16.06 -3.53
CA PRO A 145 -16.92 16.40 -2.52
C PRO A 145 -16.58 15.74 -1.21
N VAL A 146 -16.24 16.52 -0.20
CA VAL A 146 -15.83 15.97 1.10
C VAL A 146 -16.61 16.62 2.22
N GLY A 147 -16.88 15.86 3.28
CA GLY A 147 -17.40 16.40 4.56
C GLY A 147 -16.26 16.91 5.41
N GLU A 148 -16.57 17.50 6.58
CA GLU A 148 -15.54 18.10 7.44
C GLU A 148 -14.57 17.10 8.06
N ASP A 149 -15.07 15.90 8.34
CA ASP A 149 -14.23 14.78 8.82
C ASP A 149 -13.06 14.44 7.87
N GLN A 150 -13.22 14.75 6.57
CA GLN A 150 -12.24 14.40 5.53
C GLN A 150 -11.57 15.60 4.84
N LYS A 151 -11.66 16.79 5.44
CA LYS A 151 -11.04 18.00 4.90
C LYS A 151 -9.53 17.97 5.04
N GLN A 152 -9.05 17.50 6.19
CA GLN A 152 -7.62 17.32 6.44
C GLN A 152 -6.96 16.34 5.43
N HIS A 153 -7.72 15.30 5.06
CA HIS A 153 -7.27 14.26 4.13
C HIS A 153 -7.08 14.80 2.71
N LEU A 154 -8.03 15.63 2.25
CA LEU A 154 -7.94 16.29 0.94
C LEU A 154 -6.73 17.22 0.88
N GLU A 155 -6.48 17.96 1.95
CA GLU A 155 -5.31 18.85 1.98
C GLU A 155 -4.00 18.07 1.88
N LEU A 156 -3.92 16.93 2.57
CA LEU A 156 -2.76 16.03 2.40
C LEU A 156 -2.60 15.58 0.94
N SER A 157 -3.71 15.21 0.32
CA SER A 157 -3.74 14.83 -1.12
C SER A 157 -3.22 15.99 -1.99
N ARG A 158 -3.63 17.22 -1.65
CA ARG A 158 -3.19 18.39 -2.38
C ARG A 158 -1.69 18.64 -2.20
N ASP A 159 -1.21 18.59 -0.94
CA ASP A 159 0.23 18.74 -0.64
C ASP A 159 1.05 17.66 -1.34
N ILE A 160 0.59 16.41 -1.28
CA ILE A 160 1.33 15.31 -1.95
C ILE A 160 1.45 15.53 -3.46
N ALA A 161 0.35 15.95 -4.09
CA ALA A 161 0.34 16.22 -5.55
C ALA A 161 1.33 17.31 -5.95
N GLN A 162 1.36 18.40 -5.16
CA GLN A 162 2.23 19.55 -5.41
C GLN A 162 3.71 19.23 -5.21
N ARG A 163 4.01 18.52 -4.13
CA ARG A 163 5.35 18.02 -3.84
C ARG A 163 5.87 17.14 -5.00
N PHE A 164 5.07 16.15 -5.40
CA PHE A 164 5.42 15.26 -6.54
C PHE A 164 5.59 16.06 -7.80
N ASN A 165 4.64 16.95 -8.07
CA ASN A 165 4.71 17.80 -9.29
C ASN A 165 6.00 18.69 -9.34
N ALA A 166 6.41 19.22 -8.19
CA ALA A 166 7.54 20.17 -8.13
C ALA A 166 8.85 19.46 -8.43
N LEU A 167 8.92 18.17 -8.09
CA LEU A 167 10.07 17.31 -8.38
C LEU A 167 10.06 16.79 -9.82
N TYR A 168 8.89 16.40 -10.31
CA TYR A 168 8.81 15.63 -11.59
C TYR A 168 8.10 16.32 -12.76
N GLY A 169 7.54 17.51 -12.51
CA GLY A 169 6.69 18.21 -13.49
C GLY A 169 5.20 17.94 -13.19
N GLU A 170 4.32 18.37 -14.09
CA GLU A 170 2.89 18.38 -13.83
C GLU A 170 2.24 17.02 -14.19
N ILE A 171 2.49 16.05 -13.33
CA ILE A 171 2.02 14.68 -13.48
C ILE A 171 0.57 14.57 -12.95
N PHE A 172 0.31 15.18 -11.79
CA PHE A 172 -1.02 15.20 -11.16
C PHE A 172 -1.76 16.54 -11.38
N LYS A 173 -3.08 16.50 -11.38
CA LYS A 173 -3.91 17.68 -11.11
C LYS A 173 -3.95 17.84 -9.61
N VAL A 174 -3.90 19.10 -9.13
CA VAL A 174 -4.10 19.43 -7.72
C VAL A 174 -5.61 19.46 -7.49
N PRO A 175 -6.17 18.49 -6.73
CA PRO A 175 -7.63 18.46 -6.51
C PRO A 175 -8.16 19.64 -5.68
N GLU A 176 -9.40 20.04 -5.94
CA GLU A 176 -10.07 21.09 -5.15
C GLU A 176 -11.31 20.50 -4.47
N PRO A 177 -11.65 20.99 -3.26
CA PRO A 177 -12.91 20.61 -2.64
C PRO A 177 -14.10 21.17 -3.42
N PHE A 178 -15.24 20.48 -3.35
CA PHE A 178 -16.49 20.97 -3.95
C PHE A 178 -17.21 21.79 -2.89
N ILE A 179 -17.12 23.12 -2.99
CA ILE A 179 -17.56 24.05 -1.95
C ILE A 179 -19.08 24.03 -1.74
N PRO A 180 -19.89 24.17 -2.82
CA PRO A 180 -21.35 24.30 -2.66
C PRO A 180 -22.02 23.09 -1.98
N LYS A 181 -22.80 23.36 -0.94
CA LYS A 181 -23.52 22.33 -0.15
C LYS A 181 -24.92 21.98 -0.67
N GLY A 183 -28.17 20.71 -0.46
CA GLY A 183 -28.91 21.86 0.08
C GLY A 183 -29.92 21.64 1.21
N ALA A 184 -30.24 20.38 1.50
CA ALA A 184 -31.27 20.03 2.47
C ALA A 184 -30.66 19.70 3.83
N ARG A 185 -31.26 20.24 4.89
CA ARG A 185 -30.81 20.02 6.27
C ARG A 185 -31.66 18.91 6.91
N VAL A 186 -31.07 17.72 7.04
CA VAL A 186 -31.77 16.60 7.66
C VAL A 186 -31.05 16.33 8.98
N MET A 187 -31.77 16.55 10.07
CA MET A 187 -31.23 16.45 11.42
C MET A 187 -31.77 15.22 12.12
N SER A 188 -31.14 14.89 13.25
CA SER A 188 -31.47 13.70 14.02
C SER A 188 -32.84 13.82 14.67
N LEU A 189 -33.61 12.73 14.63
CA LEU A 189 -35.00 12.74 15.09
C LEU A 189 -35.13 12.95 16.59
N LEU A 190 -34.20 12.42 17.37
CA LEU A 190 -34.21 12.56 18.84
C LEU A 190 -33.17 13.53 19.41
N GLU A 191 -32.42 14.18 18.51
CA GLU A 191 -31.40 15.16 18.85
C GLU A 191 -31.34 16.14 17.66
N PRO A 192 -32.35 17.00 17.53
CA PRO A 192 -32.52 17.88 16.37
C PRO A 192 -31.39 18.89 16.11
N THR A 193 -30.41 18.97 17.02
CA THR A 193 -29.22 19.82 16.85
C THR A 193 -28.08 19.11 16.07
N LYS A 194 -28.06 17.76 16.11
CA LYS A 194 -27.05 16.93 15.45
C LYS A 194 -27.57 16.45 14.10
N LYS A 195 -26.75 16.55 13.05
CA LYS A 195 -27.12 16.12 11.70
C LYS A 195 -27.30 14.60 11.62
N MET A 196 -28.31 14.14 10.89
CA MET A 196 -28.58 12.70 10.75
C MET A 196 -27.42 12.06 9.99
N SER A 197 -26.75 11.09 10.63
CA SER A 197 -25.58 10.41 10.06
C SER A 197 -25.68 8.91 10.24
N LYS A 198 -25.35 8.15 9.19
CA LYS A 198 -25.33 6.67 9.22
C LYS A 198 -24.51 6.10 10.37
N SER A 199 -23.44 6.81 10.71
CA SER A 199 -22.54 6.47 11.82
C SER A 199 -23.19 6.46 13.23
N ASP A 200 -24.43 6.94 13.35
CA ASP A 200 -25.15 6.99 14.63
C ASP A 200 -25.52 5.57 15.11
N ASN A 202 -27.78 5.17 17.95
CA ASN A 202 -29.23 5.22 18.08
C ASN A 202 -29.84 5.33 16.69
N ARG A 203 -30.26 4.19 16.14
CA ARG A 203 -30.94 4.16 14.84
C ARG A 203 -32.30 4.85 14.88
N ASN A 204 -32.82 5.10 16.09
CA ASN A 204 -34.00 5.95 16.29
C ASN A 204 -33.80 7.43 15.93
N ASN A 205 -32.56 7.88 15.78
CA ASN A 205 -32.24 9.22 15.27
C ASN A 205 -32.26 9.35 13.73
N VAL A 206 -32.23 8.23 13.02
CA VAL A 206 -32.08 8.22 11.56
C VAL A 206 -33.20 7.45 10.91
N ILE A 207 -33.37 7.67 9.60
CA ILE A 207 -34.24 6.86 8.73
C ILE A 207 -33.40 6.37 7.56
N GLY A 208 -33.25 5.03 7.45
CA GLY A 208 -32.49 4.39 6.36
C GLY A 208 -33.34 4.32 5.13
N LEU A 209 -32.70 4.31 3.95
CA LEU A 209 -33.41 4.32 2.66
C LEU A 209 -34.23 3.05 2.39
N LEU A 210 -33.93 1.98 3.14
CA LEU A 210 -34.58 0.69 3.01
C LEU A 210 -35.62 0.41 4.12
N GLU A 211 -35.89 1.41 4.97
CA GLU A 211 -36.85 1.28 6.06
C GLU A 211 -38.28 1.19 5.53
N ASP A 212 -39.10 0.38 6.20
CA ASP A 212 -40.49 0.15 5.75
C ASP A 212 -41.40 1.29 6.21
N PRO A 213 -42.57 1.47 5.57
CA PRO A 213 -43.55 2.48 6.03
C PRO A 213 -43.87 2.45 7.53
N LYS A 214 -43.95 1.25 8.13
CA LYS A 214 -44.29 1.08 9.54
C LYS A 214 -43.18 1.54 10.47
N SER A 215 -41.93 1.26 10.10
CA SER A 215 -40.76 1.73 10.86
C SER A 215 -40.63 3.25 10.79
N VAL A 216 -40.84 3.80 9.60
CA VAL A 216 -40.79 5.25 9.38
C VAL A 216 -41.77 5.98 10.34
N VAL A 217 -43.02 5.49 10.39
CA VAL A 217 -44.04 6.04 11.29
C VAL A 217 -43.58 6.02 12.76
N LYS A 218 -43.05 4.89 13.21
CA LYS A 218 -42.60 4.74 14.62
C LYS A 218 -41.47 5.71 14.98
N LYS A 219 -40.53 5.89 14.07
CA LYS A 219 -39.40 6.83 14.27
C LYS A 219 -39.84 8.31 14.26
N ILE A 220 -40.71 8.66 13.32
CA ILE A 220 -41.26 10.04 13.21
C ILE A 220 -42.17 10.36 14.42
N LYS A 221 -42.97 9.38 14.85
CA LYS A 221 -43.85 9.52 16.03
C LYS A 221 -43.06 9.83 17.31
N ARG A 222 -41.86 9.27 17.41
CA ARG A 222 -40.96 9.51 18.56
C ARG A 222 -40.16 10.81 18.46
N ALA A 223 -40.08 11.40 17.26
CA ALA A 223 -39.28 12.60 16.98
C ALA A 223 -39.61 13.71 17.95
N VAL A 224 -38.59 14.32 18.52
CA VAL A 224 -38.78 15.33 19.57
C VAL A 224 -39.46 16.56 18.98
N THR A 225 -40.38 17.16 19.74
CA THR A 225 -41.05 18.39 19.32
C THR A 225 -40.75 19.47 20.37
N ASP A 226 -41.76 20.22 20.83
CA ASP A 226 -41.59 21.21 21.90
C ASP A 226 -42.83 21.19 22.78
N SER A 227 -42.78 21.97 23.86
CA SER A 227 -43.87 22.12 24.82
C SER A 227 -44.67 23.42 24.63
N ASP A 228 -44.65 24.01 23.43
CA ASP A 228 -45.43 25.21 23.14
C ASP A 228 -46.90 24.92 23.36
N GLU A 229 -47.60 25.84 24.01
CA GLU A 229 -49.04 25.77 24.27
C GLU A 229 -49.69 27.08 23.80
N PRO A 230 -50.61 27.01 22.81
CA PRO A 230 -50.95 25.80 22.04
C PRO A 230 -49.78 25.33 21.17
N PRO A 231 -49.78 24.05 20.78
CA PRO A 231 -48.78 23.63 19.79
C PRO A 231 -48.92 24.45 18.51
N VAL A 232 -47.79 24.90 17.97
CA VAL A 232 -47.75 25.78 16.79
C VAL A 232 -46.66 25.26 15.82
N VAL A 233 -47.07 24.98 14.58
CA VAL A 233 -46.17 24.46 13.53
C VAL A 233 -45.59 25.65 12.73
N ARG A 234 -44.46 26.18 13.25
CA ARG A 234 -43.74 27.30 12.69
C ARG A 234 -42.24 27.00 12.69
N TYR A 235 -41.53 27.52 11.69
CA TYR A 235 -40.08 27.31 11.57
C TYR A 235 -39.33 28.22 12.54
N ASP A 236 -38.46 27.62 13.36
CA ASP A 236 -37.63 28.34 14.32
C ASP A 236 -36.63 27.33 14.84
N VAL A 237 -35.42 27.33 14.28
CA VAL A 237 -34.38 26.32 14.60
C VAL A 237 -33.88 26.46 16.05
N GLN A 238 -33.76 27.69 16.51
CA GLN A 238 -33.27 27.99 17.87
C GLN A 238 -34.24 27.49 18.96
N ASN A 239 -35.50 27.89 18.86
CA ASN A 239 -36.53 27.59 19.88
C ASN A 239 -37.38 26.35 19.62
N LYS A 240 -37.39 25.86 18.38
CA LYS A 240 -38.26 24.75 17.95
C LYS A 240 -37.53 23.80 17.00
N ALA A 241 -36.40 23.27 17.46
CA ALA A 241 -35.50 22.43 16.63
C ALA A 241 -36.22 21.23 15.99
N GLY A 242 -36.94 20.47 16.81
CA GLY A 242 -37.64 19.27 16.37
C GLY A 242 -38.65 19.49 15.25
N VAL A 243 -39.53 20.45 15.47
CA VAL A 243 -40.58 20.84 14.51
C VAL A 243 -39.99 21.42 13.22
N SER A 244 -38.92 22.23 13.38
CA SER A 244 -38.22 22.81 12.24
C SER A 244 -37.60 21.73 11.35
N ASN A 245 -37.01 20.71 11.97
CA ASN A 245 -36.45 19.57 11.25
C ASN A 245 -37.54 18.84 10.47
N LEU A 246 -38.68 18.58 11.12
CA LEU A 246 -39.81 17.93 10.46
C LEU A 246 -40.28 18.69 9.22
N LEU A 247 -40.28 20.02 9.32
CA LEU A 247 -40.64 20.89 8.21
C LEU A 247 -39.63 20.86 7.07
N ASP A 248 -38.34 20.89 7.43
CA ASP A 248 -37.25 20.82 6.43
C ASP A 248 -37.28 19.51 5.67
N ILE A 249 -37.48 18.41 6.40
CA ILE A 249 -37.57 17.06 5.80
C ILE A 249 -38.74 17.02 4.82
N LEU A 250 -39.88 17.61 5.20
CA LEU A 250 -41.08 17.58 4.37
C LEU A 250 -40.90 18.40 3.09
N SER A 251 -40.32 19.59 3.27
CA SER A 251 -39.98 20.47 2.15
C SER A 251 -39.03 19.81 1.13
N ALA A 252 -38.01 19.12 1.63
CA ALA A 252 -37.01 18.43 0.80
C ALA A 252 -37.63 17.35 -0.06
N VAL A 253 -38.60 16.62 0.51
CA VAL A 253 -39.32 15.54 -0.21
C VAL A 253 -40.29 16.10 -1.23
N THR A 254 -41.12 17.05 -0.80
CA THR A 254 -42.25 17.56 -1.61
C THR A 254 -41.89 18.75 -2.51
N GLY A 255 -40.84 19.47 -2.14
CA GLY A 255 -40.45 20.70 -2.85
C GLY A 255 -41.33 21.90 -2.50
N GLN A 256 -42.26 21.74 -1.55
CA GLN A 256 -43.10 22.83 -1.06
C GLN A 256 -42.25 23.69 -0.17
N SER A 257 -42.42 25.01 -0.25
CA SER A 257 -41.65 25.96 0.58
C SER A 257 -42.08 25.88 2.06
N ILE A 258 -41.20 26.34 2.95
CA ILE A 258 -41.52 26.41 4.38
C ILE A 258 -42.73 27.30 4.64
N PRO A 259 -42.77 28.54 4.09
CA PRO A 259 -43.94 29.41 4.29
C PRO A 259 -45.26 28.77 3.84
N GLU A 260 -45.23 28.07 2.71
CA GLU A 260 -46.40 27.35 2.23
C GLU A 260 -46.85 26.27 3.23
N LEU A 261 -45.90 25.57 3.85
CA LEU A 261 -46.21 24.51 4.81
C LEU A 261 -46.72 25.07 6.14
N GLU A 262 -46.07 26.13 6.63
CA GLU A 262 -46.55 26.85 7.80
C GLU A 262 -48.04 27.24 7.69
N LYS A 263 -48.48 27.60 6.49
CA LYS A 263 -49.89 27.90 6.23
C LYS A 263 -50.72 26.62 6.18
N GLN A 264 -50.21 25.60 5.48
CA GLN A 264 -50.85 24.28 5.35
C GLN A 264 -51.21 23.63 6.70
N PHE A 265 -50.40 23.90 7.73
CA PHE A 265 -50.57 23.34 9.08
C PHE A 265 -51.01 24.41 10.11
N GLU A 266 -51.65 25.49 9.65
CA GLU A 266 -52.13 26.52 10.60
C GLU A 266 -53.30 25.97 11.44
N GLY A 267 -53.23 26.16 12.75
CA GLY A 267 -54.21 25.60 13.70
C GLY A 267 -54.14 24.08 13.88
N LYS A 268 -53.01 23.50 13.46
CA LYS A 268 -52.80 22.05 13.51
C LYS A 268 -51.71 21.72 14.53
N MET A 269 -51.80 20.50 15.04
CA MET A 269 -50.92 19.92 16.05
C MET A 269 -49.82 19.09 15.40
N TYR A 270 -48.83 18.75 16.20
CA TYR A 270 -47.62 18.06 15.70
C TYR A 270 -47.89 16.65 15.20
N GLY A 271 -48.96 16.01 15.64
CA GLY A 271 -49.36 14.71 15.11
C GLY A 271 -49.71 14.75 13.64
N HIS A 272 -50.45 15.80 13.21
CA HIS A 272 -50.75 16.00 11.79
C HIS A 272 -49.47 16.12 10.98
N LEU A 273 -48.56 16.97 11.47
CA LEU A 273 -47.29 17.17 10.78
C LEU A 273 -46.55 15.83 10.65
N LYS A 274 -46.39 15.17 11.80
CA LYS A 274 -45.67 13.88 11.88
C LYS A 274 -46.25 12.84 10.92
N GLY A 275 -47.58 12.79 10.83
CA GLY A 275 -48.29 11.87 9.95
C GLY A 275 -48.01 12.13 8.48
N GLU A 276 -47.93 13.41 8.12
CA GLU A 276 -47.69 13.83 6.75
C GLU A 276 -46.23 13.62 6.33
N VAL A 277 -45.33 13.85 7.28
CA VAL A 277 -43.90 13.65 7.05
C VAL A 277 -43.65 12.17 6.74
N ALA A 278 -44.20 11.28 7.55
CA ALA A 278 -44.03 9.82 7.38
C ALA A 278 -44.58 9.32 6.04
N ASP A 279 -45.71 9.87 5.62
CA ASP A 279 -46.33 9.58 4.31
C ASP A 279 -45.43 10.05 3.15
N ALA A 280 -44.95 11.28 3.25
CA ALA A 280 -44.08 11.86 2.22
C ALA A 280 -42.77 11.04 2.06
N VAL A 281 -42.09 10.79 3.17
CA VAL A 281 -40.81 10.04 3.18
C VAL A 281 -41.00 8.63 2.61
N SER A 282 -41.93 7.86 3.19
CA SER A 282 -42.25 6.50 2.74
C SER A 282 -42.71 6.47 1.30
N GLY A 283 -43.36 7.54 0.85
CA GLY A 283 -43.69 7.75 -0.57
C GLY A 283 -42.45 7.86 -1.47
N MET A 284 -41.40 8.50 -0.96
CA MET A 284 -40.15 8.70 -1.69
C MET A 284 -39.30 7.42 -1.71
N LEU A 285 -39.17 6.80 -0.54
CA LEU A 285 -38.38 5.58 -0.39
C LEU A 285 -38.90 4.41 -1.25
N THR A 286 -40.19 4.44 -1.59
CA THR A 286 -40.83 3.32 -2.30
C THR A 286 -40.30 3.08 -3.72
N GLU A 287 -40.18 4.14 -4.53
CA GLU A 287 -39.64 3.96 -5.89
C GLU A 287 -38.12 3.68 -5.86
N LEU A 288 -37.44 4.22 -4.86
CA LEU A 288 -36.03 3.90 -4.58
C LEU A 288 -35.88 2.41 -4.24
N GLN A 289 -36.65 1.96 -3.25
CA GLN A 289 -36.65 0.56 -2.79
C GLN A 289 -37.02 -0.39 -3.92
N GLU A 290 -37.98 0.00 -4.76
CA GLU A 290 -38.38 -0.78 -5.92
C GLU A 290 -37.20 -1.04 -6.84
N ARG A 291 -36.52 0.03 -7.26
CA ARG A 291 -35.33 -0.08 -8.12
C ARG A 291 -34.19 -0.85 -7.44
N TYR A 292 -33.97 -0.60 -6.14
CA TYR A 292 -32.93 -1.25 -5.36
C TYR A 292 -33.03 -2.77 -5.42
N HIS A 293 -34.12 -3.33 -4.88
CA HIS A 293 -34.37 -4.78 -4.86
C HIS A 293 -34.33 -5.40 -6.26
N ARG A 294 -34.80 -4.66 -7.26
CA ARG A 294 -34.73 -5.09 -8.65
C ARG A 294 -33.29 -5.17 -9.15
N PHE A 295 -32.50 -4.13 -8.85
CA PHE A 295 -31.07 -4.13 -9.23
C PHE A 295 -30.26 -5.12 -8.37
N ARG A 296 -30.53 -5.14 -7.07
CA ARG A 296 -29.77 -5.93 -6.12
C ARG A 296 -29.88 -7.43 -6.38
N ASN A 297 -31.06 -7.87 -6.82
CA ASN A 297 -31.36 -9.29 -7.07
C ASN A 297 -31.13 -9.69 -8.53
N ASP A 298 -30.26 -8.96 -9.22
CA ASP A 298 -29.87 -9.26 -10.60
C ASP A 298 -28.34 -9.26 -10.67
N GLU A 299 -27.75 -10.44 -10.43
CA GLU A 299 -26.30 -10.60 -10.37
C GLU A 299 -25.58 -10.17 -11.66
N ALA A 300 -26.09 -10.62 -12.80
CA ALA A 300 -25.44 -10.40 -14.08
C ALA A 300 -25.39 -8.92 -14.45
N PHE A 301 -26.47 -8.19 -14.18
CA PHE A 301 -26.47 -6.73 -14.29
C PHE A 301 -25.37 -6.08 -13.41
N LEU A 302 -25.36 -6.42 -12.12
CA LEU A 302 -24.36 -5.91 -11.19
C LEU A 302 -22.94 -6.25 -11.63
N GLN A 303 -22.72 -7.51 -12.03
CA GLN A 303 -21.44 -7.98 -12.55
C GLN A 303 -21.02 -7.23 -13.82
N GLN A 304 -21.99 -6.92 -14.69
CA GLN A 304 -21.73 -6.15 -15.91
C GLN A 304 -21.35 -4.68 -15.65
N VAL A 305 -22.06 -4.03 -14.73
CA VAL A 305 -21.75 -2.65 -14.28
C VAL A 305 -20.32 -2.61 -13.72
N MET A 306 -19.99 -3.60 -12.88
CA MET A 306 -18.68 -3.68 -12.24
C MET A 306 -17.54 -3.88 -13.24
N LYS A 307 -17.77 -4.74 -14.23
CA LYS A 307 -16.81 -5.02 -15.28
C LYS A 307 -16.55 -3.78 -16.12
N ASP A 308 -17.64 -3.13 -16.55
CA ASP A 308 -17.58 -1.93 -17.39
C ASP A 308 -16.90 -0.76 -16.68
N GLY A 309 -17.31 -0.53 -15.45
CA GLY A 309 -16.73 0.51 -14.59
C GLY A 309 -15.23 0.39 -14.44
N ALA A 310 -14.76 -0.81 -14.11
CA ALA A 310 -13.37 -1.04 -13.78
C ALA A 310 -12.49 -0.92 -15.02
N GLU A 311 -13.00 -1.34 -16.17
CA GLU A 311 -12.33 -1.17 -17.44
C GLU A 311 -12.17 0.31 -17.76
N LYS A 312 -13.22 1.10 -17.56
CA LYS A 312 -13.18 2.57 -17.76
C LYS A 312 -12.19 3.24 -16.80
N ALA A 313 -12.26 2.86 -15.53
CA ALA A 313 -11.35 3.35 -14.49
C ALA A 313 -9.87 3.00 -14.80
N SER A 314 -9.61 1.73 -15.14
CA SER A 314 -8.27 1.24 -15.40
C SER A 314 -7.63 1.92 -16.62
N ALA A 315 -8.42 2.22 -17.65
CA ALA A 315 -7.92 2.91 -18.84
C ALA A 315 -7.32 4.27 -18.48
N HIS A 316 -7.96 4.98 -17.57
CA HIS A 316 -7.51 6.30 -17.14
C HIS A 316 -6.47 6.20 -16.00
N ALA A 317 -6.70 5.30 -15.06
CA ALA A 317 -5.74 5.05 -13.97
C ALA A 317 -4.38 4.61 -14.49
N SER A 318 -4.38 3.77 -15.55
CA SER A 318 -3.18 3.20 -16.10
C SER A 318 -2.30 4.27 -16.72
N ARG A 319 -2.90 5.29 -17.32
CA ARG A 319 -2.10 6.35 -17.98
C ARG A 319 -1.42 7.26 -16.95
N THR A 320 -2.09 7.51 -15.84
CA THR A 320 -1.48 8.26 -14.72
C THR A 320 -0.34 7.46 -14.09
N LEU A 321 -0.58 6.20 -13.76
CA LEU A 321 0.45 5.36 -13.11
C LEU A 321 1.68 5.19 -13.96
N LYS A 322 1.50 5.05 -15.28
CA LYS A 322 2.59 4.95 -16.24
C LYS A 322 3.46 6.20 -16.27
N ALA A 323 2.82 7.37 -16.20
CA ALA A 323 3.58 8.64 -16.11
C ALA A 323 4.29 8.79 -14.72
N VAL A 324 3.62 8.36 -13.67
CA VAL A 324 4.23 8.36 -12.32
C VAL A 324 5.47 7.46 -12.28
N TYR A 325 5.35 6.27 -12.89
CA TYR A 325 6.41 5.28 -12.90
C TYR A 325 7.62 5.74 -13.76
N GLU A 326 7.34 6.37 -14.90
CA GLU A 326 8.37 6.94 -15.76
C GLU A 326 9.13 8.09 -15.06
N ALA A 327 8.39 8.97 -14.39
CA ALA A 327 8.95 10.09 -13.61
C ALA A 327 9.87 9.61 -12.52
N ILE A 328 9.40 8.65 -11.73
CA ILE A 328 10.20 8.05 -10.64
C ILE A 328 11.46 7.35 -11.19
N GLY A 329 11.33 6.78 -12.40
CA GLY A 329 12.44 6.17 -13.13
C GLY A 329 12.47 4.64 -13.10
N PHE A 330 11.36 3.99 -12.78
CA PHE A 330 11.27 2.55 -12.79
C PHE A 330 11.38 2.05 -14.24
N VAL A 331 12.03 0.91 -14.44
CA VAL A 331 12.05 0.26 -15.77
C VAL A 331 10.61 -0.13 -16.13
N ALA A 332 10.18 0.19 -17.34
CA ALA A 332 8.81 -0.09 -17.75
C ALA A 332 8.56 -1.59 -17.92
N LYS A 333 7.33 -2.01 -17.64
CA LYS A 333 6.94 -3.40 -17.74
C LYS A 333 7.02 -3.85 -19.19
N ARG A 334 7.46 -5.08 -19.40
CA ARG A 334 7.71 -5.59 -20.73
C ARG A 334 6.43 -6.23 -21.23
N HIS A 335 5.93 -7.24 -20.56
CA HIS A 335 4.75 -7.97 -21.12
C HIS A 335 4.83 -7.86 -22.66
N THR B 2 5.88 -30.92 -6.35
CA THR B 2 6.49 -29.58 -6.65
C THR B 2 7.54 -29.29 -5.58
N LYS B 3 8.60 -28.59 -5.96
CA LYS B 3 9.67 -28.28 -5.02
C LYS B 3 9.24 -27.18 -4.04
N PRO B 4 9.86 -27.13 -2.85
CA PRO B 4 9.74 -25.95 -2.00
C PRO B 4 10.25 -24.68 -2.70
N ILE B 5 9.67 -23.54 -2.35
CA ILE B 5 9.91 -22.26 -3.01
C ILE B 5 10.90 -21.41 -2.22
N VAL B 6 11.94 -20.92 -2.91
CA VAL B 6 12.89 -19.92 -2.40
C VAL B 6 12.53 -18.55 -3.01
N PHE B 7 12.47 -17.54 -2.17
CA PHE B 7 12.28 -16.14 -2.58
C PHE B 7 13.29 -15.22 -1.89
N SER B 8 13.99 -14.40 -2.66
CA SER B 8 14.74 -13.26 -2.08
C SER B 8 14.73 -12.05 -3.01
N GLY B 9 15.14 -10.89 -2.47
CA GLY B 9 15.24 -9.62 -3.21
C GLY B 9 16.50 -8.83 -2.90
N ALA B 10 16.93 -8.00 -3.84
CA ALA B 10 17.96 -6.99 -3.59
C ALA B 10 17.49 -5.68 -4.19
N GLN B 11 17.76 -4.58 -3.49
CA GLN B 11 17.40 -3.24 -3.92
C GLN B 11 18.29 -2.75 -5.04
N PRO B 12 17.72 -2.13 -6.10
CA PRO B 12 18.52 -1.52 -7.15
C PRO B 12 18.94 -0.11 -6.75
N SER B 13 19.63 0.00 -5.62
CA SER B 13 20.13 1.28 -5.08
C SER B 13 21.59 1.09 -4.68
N GLY B 14 22.41 2.11 -4.90
CA GLY B 14 23.84 2.05 -4.59
C GLY B 14 24.59 1.04 -5.44
N GLU B 15 25.60 0.40 -4.83
CA GLU B 15 26.52 -0.52 -5.52
C GLU B 15 26.73 -1.79 -4.67
N LEU B 16 26.24 -2.93 -5.17
CA LEU B 16 26.32 -4.19 -4.43
C LEU B 16 27.76 -4.54 -4.09
N THR B 17 27.96 -5.05 -2.88
CA THR B 17 29.27 -5.28 -2.30
C THR B 17 29.54 -6.78 -2.12
N ILE B 18 30.77 -7.12 -1.71
CA ILE B 18 31.13 -8.50 -1.36
C ILE B 18 30.25 -9.01 -0.22
N GLY B 19 29.77 -8.09 0.63
CA GLY B 19 28.82 -8.40 1.71
C GLY B 19 27.50 -8.90 1.17
N ASN B 20 26.87 -8.11 0.29
CA ASN B 20 25.65 -8.53 -0.44
C ASN B 20 25.82 -9.90 -1.14
N TYR B 21 27.01 -10.14 -1.71
CA TYR B 21 27.31 -11.42 -2.39
C TYR B 21 27.40 -12.61 -1.44
N MET B 22 28.28 -12.50 -0.46
CA MET B 22 28.52 -13.58 0.52
C MET B 22 27.33 -13.89 1.44
N GLY B 23 26.52 -12.88 1.74
CA GLY B 23 25.35 -13.06 2.61
C GLY B 23 24.05 -13.46 1.93
N ALA B 24 23.98 -13.26 0.61
CA ALA B 24 22.76 -13.48 -0.15
C ALA B 24 23.05 -14.18 -1.46
N LEU B 25 23.54 -13.42 -2.45
CA LEU B 25 23.67 -13.91 -3.84
C LEU B 25 24.34 -15.28 -3.96
N ARG B 26 25.45 -15.48 -3.26
CA ARG B 26 26.16 -16.75 -3.33
C ARG B 26 25.22 -17.91 -3.03
N GLN B 27 24.37 -17.75 -2.02
CA GLN B 27 23.39 -18.80 -1.65
C GLN B 27 22.33 -18.93 -2.75
N TRP B 28 21.86 -17.79 -3.26
CA TRP B 28 20.88 -17.75 -4.34
C TRP B 28 21.29 -18.67 -5.48
N VAL B 29 22.55 -18.54 -5.90
CA VAL B 29 23.12 -19.28 -7.07
C VAL B 29 23.14 -20.79 -6.81
N ASN B 30 23.49 -21.16 -5.57
CA ASN B 30 23.66 -22.57 -5.15
C ASN B 30 22.34 -23.32 -4.93
N MET B 31 21.26 -22.59 -4.67
CA MET B 31 19.95 -23.19 -4.33
C MET B 31 19.07 -23.53 -5.54
N GLN B 32 19.54 -23.17 -6.75
CA GLN B 32 18.68 -23.07 -7.94
C GLN B 32 18.12 -24.39 -8.42
N ASP B 33 18.86 -25.48 -8.23
CA ASP B 33 18.36 -26.84 -8.62
C ASP B 33 17.62 -27.52 -7.45
N ASP B 34 18.17 -27.37 -6.24
CA ASP B 34 17.58 -27.97 -5.04
C ASP B 34 16.15 -27.50 -4.76
N TYR B 35 15.88 -26.22 -5.03
CA TYR B 35 14.58 -25.61 -4.79
C TYR B 35 14.11 -24.78 -6.00
N HIS B 36 12.82 -24.46 -6.02
CA HIS B 36 12.21 -23.53 -6.98
C HIS B 36 12.48 -22.10 -6.52
N CYS B 37 13.41 -21.42 -7.20
CA CYS B 37 13.95 -20.14 -6.74
C CYS B 37 13.38 -18.96 -7.52
N ILE B 38 12.99 -17.92 -6.79
CA ILE B 38 12.39 -16.70 -7.38
C ILE B 38 13.19 -15.52 -6.82
N TYR B 39 13.85 -14.78 -7.70
CA TYR B 39 14.70 -13.63 -7.32
C TYR B 39 14.10 -12.34 -7.92
N CYS B 40 14.02 -11.32 -7.07
CA CYS B 40 13.29 -10.09 -7.36
C CYS B 40 14.20 -8.87 -7.19
N ILE B 41 14.17 -7.97 -8.17
CA ILE B 41 14.80 -6.63 -8.05
C ILE B 41 13.75 -5.69 -7.47
N VAL B 42 13.91 -5.30 -6.20
CA VAL B 42 12.87 -4.61 -5.44
C VAL B 42 12.95 -3.08 -5.59
N ASP B 43 12.63 -2.60 -6.79
CA ASP B 43 12.65 -1.16 -7.12
C ASP B 43 11.64 -0.31 -6.30
N GLN B 44 10.50 -0.92 -5.99
CA GLN B 44 9.53 -0.32 -5.06
C GLN B 44 10.07 -0.09 -3.63
N HIS B 45 10.88 -1.04 -3.12
CA HIS B 45 11.57 -0.86 -1.82
C HIS B 45 12.68 0.22 -1.87
N ALA B 46 13.34 0.36 -3.02
CA ALA B 46 14.47 1.27 -3.23
C ALA B 46 14.11 2.73 -3.09
N ILE B 47 12.87 3.08 -3.46
CA ILE B 47 12.38 4.47 -3.45
C ILE B 47 11.95 4.95 -2.08
N THR B 48 12.13 4.12 -1.04
CA THR B 48 12.04 4.60 0.36
C THR B 48 13.19 5.54 0.76
N VAL B 49 14.28 5.52 -0.02
CA VAL B 49 15.33 6.55 0.01
C VAL B 49 15.29 7.24 -1.35
N ARG B 50 15.38 8.57 -1.35
CA ARG B 50 15.17 9.36 -2.56
C ARG B 50 16.25 9.06 -3.60
N GLN B 51 15.83 8.74 -4.83
CA GLN B 51 16.73 8.36 -5.92
C GLN B 51 16.60 9.33 -7.09
N ASP B 52 17.70 9.61 -7.76
CA ASP B 52 17.69 10.25 -9.07
C ASP B 52 17.02 9.25 -10.09
N ALA B 53 16.06 9.74 -10.87
CA ALA B 53 15.26 8.87 -11.73
C ALA B 53 16.11 8.06 -12.72
N GLN B 54 17.13 8.70 -13.30
CA GLN B 54 18.04 8.03 -14.23
C GLN B 54 18.91 6.98 -13.52
N LYS B 55 19.39 7.31 -12.31
CA LYS B 55 20.18 6.39 -11.49
C LYS B 55 19.42 5.11 -11.16
N LEU B 56 18.13 5.24 -10.82
CA LEU B 56 17.26 4.10 -10.48
C LEU B 56 17.06 3.14 -11.65
N ARG B 57 16.71 3.69 -12.81
CA ARG B 57 16.53 2.90 -14.02
C ARG B 57 17.80 2.12 -14.35
N LYS B 58 18.92 2.84 -14.40
CA LYS B 58 20.22 2.23 -14.65
C LYS B 58 20.60 1.19 -13.62
N ALA B 59 20.42 1.51 -12.34
CA ALA B 59 20.72 0.61 -11.23
C ALA B 59 19.86 -0.65 -11.20
N THR B 60 18.63 -0.56 -11.73
CA THR B 60 17.71 -1.71 -11.83
C THR B 60 18.27 -2.70 -12.85
N LEU B 61 18.71 -2.19 -13.99
CA LEU B 61 19.31 -3.03 -15.04
C LEU B 61 20.73 -3.52 -14.67
N ASP B 62 21.48 -2.69 -13.93
CA ASP B 62 22.78 -3.13 -13.33
C ASP B 62 22.58 -4.35 -12.40
N THR B 63 21.57 -4.27 -11.53
CA THR B 63 21.27 -5.33 -10.57
C THR B 63 20.88 -6.64 -11.29
N LEU B 64 20.06 -6.51 -12.34
CA LEU B 64 19.67 -7.65 -13.15
C LEU B 64 20.89 -8.34 -13.77
N ALA B 65 21.75 -7.56 -14.44
CA ALA B 65 22.96 -8.07 -15.07
C ALA B 65 23.93 -8.67 -14.06
N LEU B 66 23.98 -8.09 -12.86
CA LEU B 66 24.82 -8.62 -11.79
C LEU B 66 24.34 -10.00 -11.28
N TYR B 67 23.03 -10.16 -11.14
CA TYR B 67 22.42 -11.47 -10.83
C TYR B 67 22.81 -12.53 -11.84
N LEU B 68 22.65 -12.21 -13.12
CA LEU B 68 22.99 -13.12 -14.21
C LEU B 68 24.48 -13.46 -14.21
N ALA B 69 25.33 -12.45 -14.01
CA ALA B 69 26.79 -12.62 -13.94
C ALA B 69 27.22 -13.46 -12.74
N CYS B 70 26.49 -13.36 -11.63
CA CYS B 70 26.74 -14.18 -10.42
C CYS B 70 26.44 -15.67 -10.62
N GLY B 71 25.69 -16.00 -11.67
CA GLY B 71 25.30 -17.37 -11.99
C GLY B 71 23.81 -17.68 -11.81
N ILE B 72 22.98 -16.67 -11.56
CA ILE B 72 21.52 -16.85 -11.57
C ILE B 72 21.10 -17.16 -13.02
N ASP B 73 20.37 -18.25 -13.19
CA ASP B 73 20.04 -18.83 -14.49
C ASP B 73 18.56 -18.56 -14.75
N PRO B 74 18.25 -17.69 -15.75
CA PRO B 74 16.85 -17.48 -16.12
C PRO B 74 16.11 -18.75 -16.62
N GLU B 75 16.82 -19.80 -17.00
CA GLU B 75 16.22 -21.09 -17.39
C GLU B 75 15.84 -21.96 -16.17
N LYS B 76 16.42 -21.67 -15.01
CA LYS B 76 16.14 -22.40 -13.76
C LYS B 76 15.28 -21.61 -12.75
N SER B 77 15.58 -20.31 -12.62
CA SER B 77 14.92 -19.41 -11.67
C SER B 77 14.07 -18.36 -12.37
N THR B 78 13.09 -17.83 -11.65
CA THR B 78 12.31 -16.65 -12.05
C THR B 78 13.04 -15.40 -11.54
N ILE B 79 13.39 -14.51 -12.47
CA ILE B 79 14.06 -13.25 -12.19
C ILE B 79 13.13 -12.18 -12.73
N PHE B 80 12.73 -11.24 -11.86
CA PHE B 80 11.75 -10.17 -12.23
C PHE B 80 11.96 -8.92 -11.39
N VAL B 81 11.44 -7.81 -11.92
CA VAL B 81 11.47 -6.50 -11.26
C VAL B 81 10.12 -6.34 -10.53
N GLN B 82 10.20 -5.96 -9.25
CA GLN B 82 9.06 -5.96 -8.34
C GLN B 82 7.87 -5.15 -8.85
N SER B 83 8.14 -4.00 -9.46
CA SER B 83 7.09 -3.06 -9.91
C SER B 83 6.35 -3.55 -11.16
N HIS B 84 6.83 -4.62 -11.79
CA HIS B 84 6.19 -5.20 -13.00
C HIS B 84 5.05 -6.14 -12.63
N VAL B 85 4.85 -6.38 -11.33
CA VAL B 85 3.84 -7.30 -10.79
C VAL B 85 3.00 -6.55 -9.75
N PRO B 86 1.84 -6.02 -10.16
CA PRO B 86 1.01 -5.23 -9.26
C PRO B 86 0.59 -5.91 -7.97
N GLU B 87 0.65 -7.24 -7.94
CA GLU B 87 0.19 -8.02 -6.79
C GLU B 87 0.92 -7.71 -5.51
N HIS B 88 2.19 -7.29 -5.62
CA HIS B 88 3.02 -6.86 -4.50
C HIS B 88 2.45 -5.68 -3.73
N ALA B 89 2.08 -4.62 -4.45
CA ALA B 89 1.47 -3.44 -3.83
C ALA B 89 0.02 -3.78 -3.32
N GLN B 90 -0.68 -4.62 -4.06
CA GLN B 90 -2.06 -5.01 -3.72
C GLN B 90 -2.10 -5.81 -2.40
N LEU B 91 -1.25 -6.83 -2.30
CA LEU B 91 -1.18 -7.62 -1.09
C LEU B 91 -0.65 -6.80 0.06
N GLY B 92 0.33 -5.94 -0.25
CA GLY B 92 0.93 -5.04 0.73
C GLY B 92 -0.10 -4.16 1.45
N TRP B 93 -1.02 -3.56 0.73
CA TRP B 93 -2.10 -2.78 1.35
C TRP B 93 -2.96 -3.65 2.28
N ALA B 94 -3.47 -4.75 1.74
CA ALA B 94 -4.27 -5.69 2.54
C ALA B 94 -3.52 -6.15 3.81
N LEU B 95 -2.22 -6.37 3.69
CA LEU B 95 -1.39 -6.83 4.81
C LEU B 95 -1.06 -5.71 5.84
N ASN B 96 -1.15 -4.45 5.42
CA ASN B 96 -1.15 -3.31 6.38
C ASN B 96 -2.23 -3.44 7.47
N CYS B 97 -3.38 -3.95 7.08
CA CYS B 97 -4.54 -4.06 7.98
C CYS B 97 -4.46 -5.24 8.96
N TYR B 98 -3.44 -6.09 8.82
CA TYR B 98 -3.12 -7.19 9.74
C TYR B 98 -1.74 -7.03 10.35
N THR B 99 -1.19 -5.81 10.30
CA THR B 99 0.11 -5.46 10.87
C THR B 99 -0.11 -4.31 11.84
N TYR B 100 0.44 -4.42 13.04
CA TYR B 100 0.27 -3.38 14.06
C TYR B 100 1.36 -2.32 13.94
N PHE B 101 1.03 -1.09 14.34
CA PHE B 101 1.96 0.04 14.34
C PHE B 101 3.20 -0.26 15.18
N GLY B 102 3.01 -0.89 16.32
CA GLY B 102 4.12 -1.22 17.24
C GLY B 102 5.17 -2.08 16.58
N GLU B 103 4.72 -3.09 15.84
CA GLU B 103 5.61 -3.97 15.09
C GLU B 103 6.50 -3.20 14.10
N LEU B 104 5.98 -2.12 13.53
CA LEU B 104 6.74 -1.28 12.59
C LEU B 104 7.65 -0.22 13.23
N SER B 105 7.18 0.38 14.33
CA SER B 105 7.98 1.42 15.05
C SER B 105 9.34 0.93 15.57
N ARG B 106 9.38 -0.34 16.00
CA ARG B 106 10.59 -0.94 16.61
C ARG B 106 11.70 -1.37 15.63
N MET B 107 11.47 -1.23 14.33
CA MET B 107 12.37 -1.77 13.33
C MET B 107 13.69 -0.99 13.25
N THR B 108 14.79 -1.73 13.40
CA THR B 108 16.14 -1.18 13.38
C THR B 108 16.51 -0.44 12.10
N GLN B 109 16.21 -1.05 10.94
CA GLN B 109 16.50 -0.40 9.66
C GLN B 109 15.79 0.96 9.60
N PHE B 110 14.51 1.02 9.98
CA PHE B 110 13.79 2.30 10.01
C PHE B 110 14.53 3.34 10.85
N LYS B 111 14.92 2.95 12.07
CA LYS B 111 15.69 3.82 12.98
C LYS B 111 16.99 4.33 12.35
N ASP B 112 17.82 3.39 11.87
CA ASP B 112 19.12 3.70 11.25
C ASP B 112 18.99 4.53 9.96
N LYS B 113 18.01 4.18 9.12
CA LYS B 113 17.65 4.95 7.91
C LYS B 113 17.19 6.38 8.23
N SER B 114 16.26 6.49 9.18
CA SER B 114 15.67 7.77 9.60
C SER B 114 16.73 8.78 10.07
N ALA B 115 17.68 8.29 10.88
CA ALA B 115 18.76 9.11 11.42
C ALA B 115 19.68 9.63 10.32
N ARG B 116 19.91 8.80 9.32
CA ARG B 116 20.80 9.12 8.20
C ARG B 116 20.15 10.03 7.18
N TYR B 117 18.88 9.76 6.86
CA TYR B 117 18.04 10.63 6.01
C TYR B 117 16.93 11.25 6.87
N ALA B 118 17.34 12.22 7.69
CA ALA B 118 16.44 12.96 8.59
C ALA B 118 15.50 13.89 7.82
N GLU B 119 15.97 14.39 6.67
CA GLU B 119 15.17 15.22 5.76
C GLU B 119 14.23 14.43 4.81
N ASN B 120 14.10 13.11 5.02
CA ASN B 120 13.21 12.26 4.23
C ASN B 120 12.80 11.00 5.01
N ILE B 121 12.11 11.22 6.14
CA ILE B 121 11.54 10.13 6.95
C ILE B 121 10.09 9.92 6.47
N ASN B 122 9.97 9.25 5.32
CA ASN B 122 8.67 9.05 4.65
C ASN B 122 7.96 7.79 5.18
N ALA B 123 6.65 7.71 4.89
CA ALA B 123 5.78 6.63 5.37
C ALA B 123 6.11 5.27 4.74
N GLY B 124 6.72 5.27 3.54
CA GLY B 124 7.22 4.06 2.90
C GLY B 124 8.34 3.39 3.70
N LEU B 125 9.19 4.21 4.30
CA LEU B 125 10.32 3.74 5.11
C LEU B 125 9.81 3.06 6.36
N PHE B 126 8.78 3.65 6.94
CA PHE B 126 8.07 3.06 8.09
C PHE B 126 7.39 1.74 7.76
N ASP B 127 6.77 1.70 6.59
CA ASP B 127 5.88 0.61 6.17
C ASP B 127 6.61 -0.39 5.24
N TYR B 128 7.91 -0.14 5.01
CA TYR B 128 8.85 -1.02 4.33
C TYR B 128 8.64 -2.51 4.64
N PRO B 129 8.48 -2.89 5.92
CA PRO B 129 8.36 -4.31 6.25
C PRO B 129 7.11 -5.02 5.73
N VAL B 130 6.03 -4.27 5.51
CA VAL B 130 4.73 -4.84 5.13
C VAL B 130 4.75 -5.21 3.64
N LEU B 131 5.38 -4.36 2.83
CA LEU B 131 5.66 -4.68 1.43
C LEU B 131 6.57 -5.92 1.31
N MET B 132 7.60 -5.96 2.14
CA MET B 132 8.57 -7.09 2.16
C MET B 132 7.91 -8.41 2.55
N ALA B 133 6.96 -8.36 3.47
CA ALA B 133 6.11 -9.51 3.76
C ALA B 133 5.28 -9.95 2.55
N ALA B 134 4.58 -8.99 1.93
CA ALA B 134 3.78 -9.27 0.73
C ALA B 134 4.62 -9.93 -0.35
N ASP B 135 5.81 -9.36 -0.63
CA ASP B 135 6.76 -9.91 -1.55
C ASP B 135 6.97 -11.41 -1.32
N ILE B 136 7.23 -11.78 -0.06
CA ILE B 136 7.50 -13.16 0.34
C ILE B 136 6.23 -14.03 0.27
N LEU B 137 5.14 -13.57 0.88
CA LEU B 137 3.92 -14.41 1.02
C LEU B 137 3.14 -14.66 -0.27
N LEU B 138 3.36 -13.81 -1.28
CA LEU B 138 2.71 -13.95 -2.58
C LEU B 138 3.02 -15.27 -3.28
N TYR B 139 4.23 -15.78 -3.10
CA TYR B 139 4.75 -16.91 -3.86
C TYR B 139 4.76 -18.22 -3.08
N GLN B 140 4.01 -18.28 -1.99
CA GLN B 140 3.90 -19.46 -1.11
C GLN B 140 5.31 -19.89 -0.69
N THR B 141 6.12 -18.92 -0.30
CA THR B 141 7.56 -19.12 -0.08
C THR B 141 7.83 -19.97 1.17
N ASN B 142 8.72 -20.95 1.03
CA ASN B 142 9.18 -21.79 2.14
C ASN B 142 10.47 -21.26 2.75
N LEU B 143 11.44 -20.91 1.89
CA LEU B 143 12.76 -20.38 2.34
C LEU B 143 13.06 -18.96 1.83
N VAL B 144 13.68 -18.12 2.67
CA VAL B 144 14.11 -16.75 2.29
C VAL B 144 15.61 -16.55 2.62
N PRO B 145 16.48 -16.63 1.61
CA PRO B 145 17.91 -16.45 1.84
C PRO B 145 18.35 -14.98 1.89
N VAL B 146 18.72 -14.53 3.08
CA VAL B 146 19.07 -13.13 3.33
C VAL B 146 20.32 -13.04 4.22
N GLY B 147 20.81 -11.82 4.42
CA GLY B 147 21.84 -11.54 5.42
C GLY B 147 21.21 -11.32 6.79
N GLU B 148 22.06 -11.28 7.83
CA GLU B 148 21.61 -11.15 9.22
C GLU B 148 20.81 -9.86 9.48
N ASP B 149 21.13 -8.81 8.73
CA ASP B 149 20.45 -7.51 8.89
C ASP B 149 18.95 -7.52 8.56
N GLN B 150 18.50 -8.56 7.84
CA GLN B 150 17.09 -8.71 7.44
C GLN B 150 16.29 -9.71 8.28
N LYS B 151 16.89 -10.22 9.37
CA LYS B 151 16.28 -11.26 10.21
C LYS B 151 14.94 -10.86 10.81
N GLN B 152 14.89 -9.68 11.41
CA GLN B 152 13.66 -9.16 12.06
C GLN B 152 12.51 -8.86 11.07
N HIS B 153 12.83 -8.34 9.89
CA HIS B 153 11.82 -8.18 8.82
C HIS B 153 11.18 -9.50 8.46
N LEU B 154 11.99 -10.56 8.31
CA LEU B 154 11.41 -11.89 8.07
C LEU B 154 10.50 -12.34 9.19
N GLU B 155 10.96 -12.15 10.43
CA GLU B 155 10.20 -12.58 11.61
C GLU B 155 8.79 -11.98 11.63
N LEU B 156 8.68 -10.68 11.33
CA LEU B 156 7.38 -10.01 11.21
C LEU B 156 6.50 -10.71 10.17
N SER B 157 7.10 -11.06 9.04
CA SER B 157 6.34 -11.72 7.94
C SER B 157 5.73 -13.05 8.40
N ARG B 158 6.49 -13.81 9.19
CA ARG B 158 6.01 -15.07 9.79
C ARG B 158 4.85 -14.82 10.73
N ASP B 159 4.97 -13.79 11.56
CA ASP B 159 3.86 -13.38 12.44
C ASP B 159 2.62 -12.97 11.64
N ILE B 160 2.81 -12.17 10.58
CA ILE B 160 1.71 -11.75 9.71
C ILE B 160 1.02 -12.97 9.08
N ALA B 161 1.84 -13.86 8.49
CA ALA B 161 1.33 -15.07 7.83
C ALA B 161 0.54 -15.96 8.77
N GLN B 162 1.07 -16.14 9.98
CA GLN B 162 0.37 -16.87 11.05
C GLN B 162 -0.92 -16.19 11.49
N ARG B 163 -0.88 -14.86 11.63
CA ARG B 163 -2.02 -14.06 12.04
C ARG B 163 -3.16 -14.20 11.03
N PHE B 164 -2.81 -14.07 9.74
CA PHE B 164 -3.80 -14.17 8.67
C PHE B 164 -4.39 -15.58 8.62
N ASN B 165 -3.51 -16.59 8.64
CA ASN B 165 -3.96 -17.98 8.55
C ASN B 165 -4.93 -18.37 9.67
N ALA B 166 -4.63 -17.88 10.87
CA ALA B 166 -5.44 -18.16 12.07
C ALA B 166 -6.92 -17.81 11.85
N LEU B 167 -7.15 -16.68 11.18
CA LEU B 167 -8.50 -16.20 10.88
C LEU B 167 -9.14 -16.86 9.66
N TYR B 168 -8.35 -17.04 8.61
CA TYR B 168 -8.87 -17.38 7.27
C TYR B 168 -8.52 -18.77 6.74
N GLY B 169 -7.66 -19.51 7.44
CA GLY B 169 -7.19 -20.84 6.96
C GLY B 169 -5.82 -20.76 6.32
N GLU B 170 -5.41 -21.82 5.62
CA GLU B 170 -4.03 -21.97 5.13
C GLU B 170 -3.80 -21.25 3.79
N ILE B 171 -3.84 -19.91 3.83
CA ILE B 171 -3.73 -19.09 2.62
C ILE B 171 -2.24 -18.90 2.34
N PHE B 172 -1.47 -18.63 3.39
CA PHE B 172 -0.03 -18.46 3.27
C PHE B 172 0.72 -19.69 3.76
N LYS B 173 1.93 -19.89 3.21
CA LYS B 173 2.96 -20.68 3.87
C LYS B 173 3.71 -19.77 4.85
N VAL B 174 4.18 -20.33 5.96
CA VAL B 174 5.05 -19.60 6.89
C VAL B 174 6.52 -19.73 6.43
N PRO B 175 7.14 -18.61 6.01
CA PRO B 175 8.52 -18.67 5.51
C PRO B 175 9.56 -18.91 6.63
N GLU B 176 10.76 -19.37 6.24
CA GLU B 176 11.85 -19.64 7.18
C GLU B 176 13.13 -19.01 6.64
N PRO B 177 13.96 -18.43 7.54
CA PRO B 177 15.20 -17.77 7.08
C PRO B 177 16.29 -18.77 6.67
N PHE B 178 17.06 -18.41 5.65
CA PHE B 178 18.25 -19.16 5.25
C PHE B 178 19.44 -18.18 5.23
N ILE B 179 20.13 -18.11 6.36
CA ILE B 179 21.28 -17.21 6.56
C ILE B 179 22.56 -18.05 6.54
N PRO B 180 23.59 -17.66 5.73
CA PRO B 180 24.81 -18.46 5.63
C PRO B 180 25.60 -18.58 6.93
N LYS B 181 26.43 -19.62 7.01
CA LYS B 181 27.31 -19.85 8.16
C LYS B 181 28.48 -18.86 8.19
N SER B 182 28.99 -18.50 7.02
CA SER B 182 30.10 -17.54 6.88
C SER B 182 29.71 -16.37 5.97
N GLY B 183 29.97 -15.15 6.42
CA GLY B 183 29.73 -13.94 5.62
C GLY B 183 28.29 -13.48 5.56
N ALA B 184 27.54 -13.68 6.64
CA ALA B 184 26.16 -13.19 6.76
C ALA B 184 26.12 -11.70 7.13
N ARG B 185 27.25 -11.18 7.61
CA ARG B 185 27.38 -9.76 8.00
C ARG B 185 28.86 -9.32 7.85
N VAL B 186 29.26 -9.07 6.61
CA VAL B 186 30.63 -8.68 6.30
C VAL B 186 30.81 -7.20 6.73
N MET B 187 31.93 -6.94 7.40
CA MET B 187 32.19 -5.67 8.08
C MET B 187 33.03 -4.69 7.24
N SER B 188 32.86 -3.40 7.50
CA SER B 188 33.54 -2.35 6.77
C SER B 188 35.05 -2.37 7.00
N LEU B 189 35.81 -2.06 5.95
CA LEU B 189 37.27 -2.22 5.96
C LEU B 189 38.00 -1.38 6.99
N LEU B 190 37.60 -0.12 7.12
CA LEU B 190 38.17 0.82 8.09
C LEU B 190 37.33 0.96 9.36
N GLU B 191 36.13 0.38 9.37
CA GLU B 191 35.25 0.39 10.54
C GLU B 191 34.70 -1.04 10.73
N PRO B 192 35.53 -1.98 11.25
CA PRO B 192 35.16 -3.40 11.35
C PRO B 192 34.04 -3.73 12.36
N THR B 193 33.52 -2.70 13.03
CA THR B 193 32.32 -2.81 13.89
C THR B 193 31.05 -2.29 13.19
N LYS B 194 31.21 -1.67 12.01
CA LYS B 194 30.11 -1.16 11.20
C LYS B 194 29.95 -2.03 9.94
N LYS B 195 28.77 -2.61 9.77
CA LYS B 195 28.43 -3.46 8.61
C LYS B 195 28.84 -2.79 7.28
N MET B 196 29.29 -3.61 6.33
CA MET B 196 29.65 -3.09 4.99
C MET B 196 28.38 -2.64 4.26
N SER B 197 28.31 -1.34 3.95
CA SER B 197 27.15 -0.71 3.30
C SER B 197 27.40 -0.52 1.81
N LYS B 198 26.35 -0.67 1.00
CA LYS B 198 26.43 -0.46 -0.45
C LYS B 198 26.19 1.01 -0.85
N SER B 199 25.99 1.87 0.16
CA SER B 199 25.80 3.31 -0.01
C SER B 199 26.66 4.11 0.97
N ASP B 200 27.79 3.53 1.39
CA ASP B 200 28.71 4.17 2.36
C ASP B 200 29.31 5.43 1.72
N ASP B 201 29.42 6.49 2.52
CA ASP B 201 30.07 7.74 2.09
C ASP B 201 31.55 7.52 1.76
N ASN B 202 32.20 6.63 2.53
CA ASN B 202 33.61 6.26 2.34
C ASN B 202 33.70 4.91 1.60
N ARG B 203 34.15 4.98 0.34
CA ARG B 203 34.34 3.79 -0.51
C ARG B 203 35.45 2.87 -0.01
N ASN B 204 36.41 3.43 0.74
CA ASN B 204 37.53 2.66 1.32
C ASN B 204 37.11 1.57 2.30
N ASN B 205 35.88 1.68 2.79
CA ASN B 205 35.27 0.65 3.65
C ASN B 205 34.76 -0.58 2.94
N VAL B 206 34.48 -0.46 1.63
CA VAL B 206 33.74 -1.49 0.88
C VAL B 206 34.62 -2.15 -0.21
N ILE B 207 34.35 -3.43 -0.45
CA ILE B 207 34.77 -4.16 -1.64
C ILE B 207 33.55 -4.25 -2.55
N GLY B 208 33.47 -3.37 -3.53
CA GLY B 208 32.38 -3.34 -4.51
C GLY B 208 32.52 -4.44 -5.56
N LEU B 209 31.41 -5.09 -5.91
CA LEU B 209 31.42 -6.21 -6.85
C LEU B 209 31.87 -5.82 -8.28
N LEU B 210 31.61 -4.58 -8.67
CA LEU B 210 31.98 -4.07 -10.00
C LEU B 210 33.11 -3.02 -9.95
N GLU B 211 33.83 -2.97 -8.83
CA GLU B 211 34.99 -2.09 -8.71
C GLU B 211 36.19 -2.67 -9.43
N ASP B 212 37.07 -1.79 -9.89
CA ASP B 212 38.36 -2.20 -10.43
C ASP B 212 39.06 -3.09 -9.37
N PRO B 213 39.40 -4.35 -9.74
CA PRO B 213 40.14 -5.24 -8.83
C PRO B 213 41.37 -4.62 -8.17
N LYS B 214 42.18 -3.90 -8.95
CA LYS B 214 43.42 -3.27 -8.46
C LYS B 214 43.14 -2.33 -7.27
N SER B 215 42.04 -1.59 -7.35
CA SER B 215 41.58 -0.70 -6.26
C SER B 215 41.17 -1.49 -4.98
N VAL B 216 40.68 -2.70 -5.16
CA VAL B 216 40.29 -3.59 -4.07
C VAL B 216 41.51 -4.14 -3.33
N VAL B 217 42.53 -4.61 -4.06
CA VAL B 217 43.81 -5.05 -3.46
C VAL B 217 44.43 -3.93 -2.60
N LYS B 218 44.35 -2.69 -3.06
CA LYS B 218 44.79 -1.51 -2.30
C LYS B 218 43.96 -1.27 -1.03
N LYS B 219 42.64 -1.49 -1.11
CA LYS B 219 41.75 -1.35 0.05
C LYS B 219 42.02 -2.43 1.10
N ILE B 220 42.31 -3.64 0.65
CA ILE B 220 42.60 -4.76 1.54
C ILE B 220 43.91 -4.53 2.32
N LYS B 221 44.94 -4.06 1.62
CA LYS B 221 46.25 -3.71 2.23
C LYS B 221 46.09 -2.62 3.29
N ARG B 222 45.17 -1.69 3.05
CA ARG B 222 44.94 -0.55 3.95
C ARG B 222 43.88 -0.84 5.03
N ALA B 223 43.37 -2.07 5.07
CA ALA B 223 42.34 -2.47 6.04
C ALA B 223 42.92 -2.46 7.44
N VAL B 224 42.15 -1.98 8.41
CA VAL B 224 42.59 -1.89 9.81
C VAL B 224 42.71 -3.27 10.41
N THR B 225 43.69 -3.45 11.30
CA THR B 225 44.01 -4.72 11.96
C THR B 225 44.10 -4.40 13.46
N ASP B 226 45.23 -4.70 14.12
CA ASP B 226 45.40 -4.43 15.56
C ASP B 226 46.88 -4.15 15.91
N SER B 227 47.08 -3.73 17.15
CA SER B 227 48.40 -3.44 17.69
C SER B 227 49.10 -4.68 18.29
N ASP B 228 48.54 -5.88 18.08
CA ASP B 228 49.08 -7.12 18.67
C ASP B 228 50.59 -7.26 18.40
N GLU B 229 51.36 -7.57 19.45
CA GLU B 229 52.80 -7.77 19.36
C GLU B 229 53.21 -9.07 20.06
N PRO B 230 53.57 -10.12 19.29
CA PRO B 230 53.63 -10.14 17.82
C PRO B 230 52.27 -10.10 17.11
N PRO B 231 52.25 -9.66 15.85
CA PRO B 231 51.04 -9.82 15.05
C PRO B 231 50.74 -11.31 14.87
N VAL B 232 49.50 -11.72 15.15
CA VAL B 232 49.05 -13.11 15.04
C VAL B 232 47.69 -13.14 14.36
N VAL B 233 47.51 -14.08 13.43
CA VAL B 233 46.25 -14.28 12.69
C VAL B 233 45.34 -15.25 13.47
N ARG B 234 44.36 -14.70 14.18
CA ARG B 234 43.43 -15.45 15.04
C ARG B 234 42.04 -14.77 15.01
N TYR B 235 40.99 -15.59 15.15
CA TYR B 235 39.61 -15.06 15.20
C TYR B 235 39.30 -14.59 16.61
N ASP B 236 39.22 -13.28 16.82
CA ASP B 236 38.87 -12.72 18.13
C ASP B 236 38.02 -11.47 17.99
N VAL B 237 36.77 -11.67 17.54
CA VAL B 237 35.87 -10.58 17.09
C VAL B 237 35.84 -9.32 17.99
N GLN B 238 35.88 -9.53 19.30
CA GLN B 238 35.84 -8.43 20.26
C GLN B 238 37.18 -7.69 20.29
N ASN B 239 38.27 -8.43 20.09
CA ASN B 239 39.63 -7.90 20.15
C ASN B 239 40.39 -7.84 18.84
N LYS B 240 39.85 -8.45 17.77
CA LYS B 240 40.54 -8.58 16.48
C LYS B 240 39.56 -8.49 15.30
N ALA B 241 38.69 -7.47 15.34
CA ALA B 241 37.58 -7.30 14.39
C ALA B 241 38.05 -7.20 12.93
N GLY B 242 39.12 -6.43 12.72
CA GLY B 242 39.71 -6.25 11.39
C GLY B 242 40.23 -7.54 10.77
N VAL B 243 41.08 -8.24 11.53
CA VAL B 243 41.70 -9.49 11.11
C VAL B 243 40.64 -10.52 10.87
N SER B 244 39.68 -10.63 11.82
CA SER B 244 38.58 -11.60 11.76
C SER B 244 37.74 -11.42 10.49
N ASN B 245 37.29 -10.19 10.25
CA ASN B 245 36.50 -9.88 9.05
C ASN B 245 37.21 -10.30 7.78
N LEU B 246 38.54 -10.11 7.74
CA LEU B 246 39.41 -10.56 6.63
C LEU B 246 39.47 -12.09 6.52
N LEU B 247 39.66 -12.76 7.66
CA LEU B 247 39.62 -14.23 7.74
C LEU B 247 38.27 -14.81 7.26
N ASP B 248 37.18 -14.16 7.67
CA ASP B 248 35.82 -14.55 7.23
C ASP B 248 35.64 -14.35 5.71
N ILE B 249 36.12 -13.22 5.19
CA ILE B 249 36.14 -12.96 3.74
C ILE B 249 36.94 -14.04 3.00
N LEU B 250 38.10 -14.38 3.55
CA LEU B 250 38.96 -15.45 3.02
C LEU B 250 38.23 -16.78 2.96
N SER B 251 37.58 -17.13 4.08
CA SER B 251 36.80 -18.37 4.23
C SER B 251 35.73 -18.55 3.14
N ALA B 252 34.85 -17.56 3.04
CA ALA B 252 33.67 -17.63 2.18
C ALA B 252 33.97 -17.55 0.68
N VAL B 253 35.10 -16.93 0.32
CA VAL B 253 35.56 -16.86 -1.09
C VAL B 253 36.21 -18.19 -1.52
N THR B 254 36.92 -18.85 -0.60
CA THR B 254 37.63 -20.10 -0.86
C THR B 254 36.82 -21.35 -0.49
N GLY B 255 35.93 -21.23 0.49
CA GLY B 255 35.22 -22.37 1.08
C GLY B 255 35.96 -23.00 2.27
N GLN B 256 37.09 -22.41 2.64
CA GLN B 256 37.94 -22.94 3.71
C GLN B 256 37.41 -22.54 5.08
N SER B 257 37.79 -23.30 6.10
CA SER B 257 37.36 -23.05 7.47
C SER B 257 38.29 -22.05 8.19
N ILE B 258 37.76 -21.32 9.17
CA ILE B 258 38.56 -20.42 10.02
C ILE B 258 39.68 -21.19 10.73
N PRO B 259 39.35 -22.34 11.36
CA PRO B 259 40.42 -23.18 11.94
C PRO B 259 41.53 -23.55 10.95
N GLU B 260 41.15 -23.81 9.69
CA GLU B 260 42.08 -24.12 8.60
C GLU B 260 42.98 -22.94 8.23
N LEU B 261 42.35 -21.76 8.10
CA LEU B 261 43.06 -20.49 7.81
C LEU B 261 44.04 -20.11 8.92
N GLU B 262 43.56 -20.15 10.16
CA GLU B 262 44.40 -19.90 11.35
C GLU B 262 45.64 -20.81 11.34
N LYS B 263 45.45 -22.08 10.99
CA LYS B 263 46.53 -23.05 10.87
C LYS B 263 47.50 -22.67 9.75
N GLN B 264 46.93 -22.31 8.59
CA GLN B 264 47.71 -21.96 7.39
C GLN B 264 48.58 -20.71 7.57
N PHE B 265 48.11 -19.76 8.39
CA PHE B 265 48.84 -18.53 8.68
C PHE B 265 49.66 -18.60 9.98
N GLU B 266 49.89 -19.82 10.50
CA GLU B 266 50.75 -20.04 11.67
C GLU B 266 52.17 -19.62 11.33
N GLY B 267 52.75 -18.80 12.22
CA GLY B 267 54.11 -18.26 12.04
C GLY B 267 54.23 -17.12 11.04
N LYS B 268 53.09 -16.62 10.57
CA LYS B 268 53.01 -15.56 9.55
C LYS B 268 52.18 -14.39 10.12
N MET B 269 52.27 -13.24 9.47
CA MET B 269 51.64 -12.00 9.95
C MET B 269 50.59 -11.48 8.93
N TYR B 270 50.19 -10.21 9.08
CA TYR B 270 49.09 -9.62 8.32
C TYR B 270 49.41 -9.38 6.84
N GLY B 271 50.71 -9.31 6.51
CA GLY B 271 51.17 -9.26 5.14
C GLY B 271 50.80 -10.51 4.33
N HIS B 272 51.04 -11.69 4.89
CA HIS B 272 50.60 -12.95 4.30
C HIS B 272 49.06 -13.04 4.20
N LEU B 273 48.37 -12.65 5.29
CA LEU B 273 46.90 -12.62 5.30
C LEU B 273 46.35 -11.76 4.14
N LYS B 274 46.70 -10.48 4.15
CA LYS B 274 46.13 -9.50 3.24
C LYS B 274 46.44 -9.83 1.78
N GLY B 275 47.61 -10.40 1.54
CA GLY B 275 48.02 -10.88 0.21
C GLY B 275 47.13 -11.99 -0.28
N GLU B 276 46.71 -12.87 0.62
CA GLU B 276 45.87 -14.02 0.26
C GLU B 276 44.41 -13.65 0.03
N VAL B 277 43.85 -12.81 0.90
CA VAL B 277 42.50 -12.25 0.72
C VAL B 277 42.44 -11.44 -0.60
N ALA B 278 43.50 -10.67 -0.86
CA ALA B 278 43.59 -9.86 -2.07
C ALA B 278 43.60 -10.68 -3.35
N ASP B 279 44.38 -11.75 -3.38
CA ASP B 279 44.45 -12.66 -4.54
C ASP B 279 43.11 -13.35 -4.78
N ALA B 280 42.50 -13.88 -3.71
CA ALA B 280 41.19 -14.53 -3.78
C ALA B 280 40.12 -13.60 -4.42
N VAL B 281 39.91 -12.46 -3.77
CA VAL B 281 38.81 -11.54 -4.12
C VAL B 281 39.07 -10.89 -5.50
N SER B 282 40.32 -10.55 -5.80
CA SER B 282 40.70 -9.93 -7.08
C SER B 282 40.40 -10.86 -8.26
N GLY B 283 40.71 -12.14 -8.09
CA GLY B 283 40.42 -13.16 -9.11
C GLY B 283 38.92 -13.39 -9.36
N MET B 284 38.14 -13.30 -8.28
CA MET B 284 36.66 -13.47 -8.35
C MET B 284 35.98 -12.31 -9.08
N LEU B 285 36.29 -11.08 -8.64
CA LEU B 285 35.78 -9.86 -9.28
C LEU B 285 36.12 -9.71 -10.76
N THR B 286 37.33 -10.14 -11.15
CA THR B 286 37.77 -10.10 -12.55
C THR B 286 36.96 -11.04 -13.42
N GLU B 287 36.62 -12.24 -12.90
CA GLU B 287 35.77 -13.20 -13.63
C GLU B 287 34.32 -12.70 -13.70
N LEU B 288 33.78 -12.32 -12.55
CA LEU B 288 32.39 -11.83 -12.47
C LEU B 288 32.15 -10.67 -13.42
N GLN B 289 33.06 -9.69 -13.38
CA GLN B 289 32.96 -8.48 -14.21
C GLN B 289 33.02 -8.78 -15.72
N GLU B 290 33.78 -9.81 -16.11
CA GLU B 290 33.84 -10.28 -17.49
C GLU B 290 32.46 -10.77 -17.93
N ARG B 291 31.81 -11.59 -17.12
CA ARG B 291 30.41 -12.03 -17.39
C ARG B 291 29.43 -10.85 -17.39
N TYR B 292 29.57 -9.95 -16.41
CA TYR B 292 28.67 -8.82 -16.23
C TYR B 292 28.52 -7.96 -17.46
N HIS B 293 29.65 -7.63 -18.09
CA HIS B 293 29.65 -6.76 -19.25
C HIS B 293 29.01 -7.42 -20.47
N ARG B 294 29.19 -8.72 -20.63
CA ARG B 294 28.52 -9.46 -21.71
C ARG B 294 27.00 -9.39 -21.56
N PHE B 295 26.51 -9.47 -20.31
CA PHE B 295 25.07 -9.43 -20.00
C PHE B 295 24.52 -8.01 -20.04
N ARG B 296 25.21 -7.09 -19.34
CA ARG B 296 24.71 -5.74 -19.12
C ARG B 296 24.54 -4.91 -20.40
N ASN B 297 25.36 -5.19 -21.41
CA ASN B 297 25.33 -4.48 -22.68
C ASN B 297 24.42 -5.12 -23.71
N ASP B 298 23.76 -6.23 -23.35
CA ASP B 298 22.83 -6.93 -24.23
C ASP B 298 21.41 -6.63 -23.80
N GLU B 299 20.88 -5.48 -24.25
CA GLU B 299 19.57 -4.98 -23.80
C GLU B 299 18.44 -5.95 -24.14
N ALA B 300 18.53 -6.56 -25.32
CA ALA B 300 17.54 -7.48 -25.82
C ALA B 300 17.42 -8.73 -24.94
N PHE B 301 18.55 -9.17 -24.35
CA PHE B 301 18.56 -10.32 -23.43
C PHE B 301 17.94 -9.92 -22.08
N LEU B 302 18.36 -8.78 -21.55
CA LEU B 302 17.81 -8.27 -20.30
C LEU B 302 16.28 -8.06 -20.38
N GLN B 303 15.83 -7.56 -21.54
CA GLN B 303 14.43 -7.28 -21.78
C GLN B 303 13.61 -8.56 -21.78
N GLN B 304 14.13 -9.60 -22.43
CA GLN B 304 13.49 -10.92 -22.47
C GLN B 304 13.40 -11.56 -21.10
N VAL B 305 14.50 -11.52 -20.33
CA VAL B 305 14.54 -12.07 -18.96
C VAL B 305 13.48 -11.38 -18.09
N MET B 306 13.41 -10.05 -18.17
CA MET B 306 12.38 -9.29 -17.45
C MET B 306 10.95 -9.68 -17.85
N LYS B 307 10.72 -9.86 -19.14
CA LYS B 307 9.43 -10.20 -19.67
C LYS B 307 8.97 -11.58 -19.18
N ASP B 308 9.83 -12.60 -19.35
CA ASP B 308 9.51 -13.99 -18.93
C ASP B 308 9.39 -14.09 -17.40
N GLY B 309 10.31 -13.43 -16.71
CA GLY B 309 10.28 -13.36 -15.26
C GLY B 309 8.93 -12.91 -14.73
N ALA B 310 8.45 -11.78 -15.22
CA ALA B 310 7.26 -11.13 -14.71
C ALA B 310 6.03 -11.98 -15.00
N GLU B 311 6.02 -12.63 -16.17
CA GLU B 311 4.95 -13.53 -16.53
C GLU B 311 4.84 -14.70 -15.56
N LYS B 312 5.97 -15.33 -15.25
CA LYS B 312 6.00 -16.47 -14.34
C LYS B 312 5.57 -16.04 -12.94
N ALA B 313 6.14 -14.95 -12.43
CA ALA B 313 5.79 -14.44 -11.10
C ALA B 313 4.33 -14.09 -10.98
N SER B 314 3.77 -13.41 -11.99
CA SER B 314 2.36 -13.01 -12.01
C SER B 314 1.40 -14.21 -11.92
N ALA B 315 1.79 -15.34 -12.50
CA ALA B 315 1.00 -16.56 -12.43
C ALA B 315 0.89 -17.07 -10.98
N HIS B 316 2.01 -17.11 -10.28
CA HIS B 316 2.02 -17.44 -8.84
C HIS B 316 1.26 -16.38 -8.04
N ALA B 317 1.66 -15.11 -8.22
CA ALA B 317 1.18 -13.98 -7.40
C ALA B 317 -0.31 -13.81 -7.44
N SER B 318 -0.88 -13.84 -8.64
CA SER B 318 -2.32 -13.66 -8.85
C SER B 318 -3.13 -14.75 -8.15
N ARG B 319 -2.62 -15.99 -8.17
CA ARG B 319 -3.28 -17.14 -7.51
C ARG B 319 -3.41 -16.92 -6.00
N THR B 320 -2.32 -16.50 -5.36
CA THR B 320 -2.32 -16.16 -3.93
C THR B 320 -3.24 -14.97 -3.61
N LEU B 321 -3.15 -13.88 -4.36
CA LEU B 321 -3.98 -12.68 -4.10
C LEU B 321 -5.48 -12.96 -4.26
N LYS B 322 -5.85 -13.75 -5.25
CA LYS B 322 -7.25 -14.14 -5.45
C LYS B 322 -7.86 -14.83 -4.18
N ALA B 323 -7.09 -15.69 -3.55
CA ALA B 323 -7.50 -16.37 -2.32
C ALA B 323 -7.51 -15.44 -1.12
N VAL B 324 -6.54 -14.52 -1.05
CA VAL B 324 -6.54 -13.47 0.00
C VAL B 324 -7.83 -12.63 -0.10
N TYR B 325 -8.14 -12.18 -1.32
CA TYR B 325 -9.31 -11.33 -1.57
C TYR B 325 -10.63 -12.07 -1.28
N GLU B 326 -10.68 -13.35 -1.62
CA GLU B 326 -11.82 -14.21 -1.30
C GLU B 326 -11.99 -14.30 0.22
N ALA B 327 -10.90 -14.60 0.92
CA ALA B 327 -10.90 -14.73 2.39
C ALA B 327 -11.37 -13.46 3.12
N ILE B 328 -10.87 -12.30 2.71
CA ILE B 328 -11.15 -11.05 3.45
C ILE B 328 -12.53 -10.48 3.12
N GLY B 329 -13.11 -10.94 2.01
CA GLY B 329 -14.50 -10.67 1.67
C GLY B 329 -14.74 -9.67 0.57
N PHE B 330 -13.75 -9.48 -0.32
CA PHE B 330 -13.91 -8.59 -1.46
C PHE B 330 -14.74 -9.30 -2.53
N VAL B 331 -15.54 -8.54 -3.27
CA VAL B 331 -16.22 -9.04 -4.47
C VAL B 331 -15.13 -9.31 -5.49
N ALA B 332 -15.12 -10.52 -6.05
CA ALA B 332 -14.08 -10.97 -6.98
C ALA B 332 -14.24 -10.27 -8.31
N LYS B 333 -13.14 -9.79 -8.88
CA LYS B 333 -13.11 -9.16 -10.22
C LYS B 333 -13.43 -10.20 -11.28
N ARG B 334 -14.09 -9.80 -12.35
CA ARG B 334 -14.36 -10.71 -13.49
C ARG B 334 -13.49 -10.36 -14.69
#